data_5KDV
#
_entry.id   5KDV
#
_cell.length_a   155.280
_cell.length_b   96.410
_cell.length_c   100.920
_cell.angle_alpha   90.00
_cell.angle_beta   124.66
_cell.angle_gamma   90.00
#
_symmetry.space_group_name_H-M   'C 1 2 1'
#
loop_
_entity.id
_entity.type
_entity.pdbx_description
1 polymer Metallopeptidase
2 non-polymer 'SULFATE ION'
3 non-polymer 'ZINC ION'
4 non-polymer 1,2-ETHANEDIOL
5 water water
#
_entity_poly.entity_id   1
_entity_poly.type   'polypeptide(L)'
_entity_poly.pdbx_seq_one_letter_code
;MATQEEILDAALVSGDSSQLTDSHLVALRLQQQVERIRQTRTQLLDGLYQNLSQAYDPGAASMWVLPANPDNTLPFLIGD
KGRVLASLSLEAGGRGLAYGTNVLTQLSGTNAAHAPLLKRAVQWLVNGDPGAATAKDFKVSVVGVDKTAALNGLKSAGLQ
PADAACNALTDASCASTSKLLVLGNGASAASLSATVRARLQAGLPILFVHTNGWNQSSTGQQILAGLGLQEGPYGGNYWD
KDRVPSSRTRTRSVELGGAYGQDPALVQQIVDGSWRTDYDWSKCTSYVGRTTCDDVPGLSDFSKRVDVLKGALDAYNQKA
QNLFALPGTTSLRLWLLWADAVRQNIRYPMDKAADTARFQETFVADAIVGYVREAGAAQKELGSYAGQRQQSMPVSGSEE
TLTLTLPSAQGFTAIGRMAAPGKRLSIRIEDAGQASLAVGLNTQRIGSTRLWNTRQYDRPRFLKSPDIKLQANQSVALVS
PYGGLLQLVYSGATPGQTVTVKVTGAASQPFLDIQPGEDSSQAIADFIQALDADKADWLEIRSGSVEVHAKVEKVRGSID
KDYGGDVQRFIRELNEVFIDDAYTLAGFAIPNQAKTPAIQQECAARGWDCDSETLHKLPGTQHINVDQYAQCGGGCSGNP
YDQTWGLNPRGWGESHELGHNLQVNRLKVYGGRSGEISNQIFPLHKDWRVLREFGQNLDDTRVNYRNAYNLIVAGRAEAD
PLAGVNKRLWEDPGTYALNGERMAFYTQWVHYWADLKNDPLQGWDIWTLLYLHQRQVDKSDWDANKAALGYGTYAQRPGN
SGDASSTDGNDNLLLGLSWLTQRDQRPTFALWGIRTSAAAQAQVAAYGFAEQPAFFYANNRTNEYSTVKLLDMSQGSPAW
PFPLEHHHHHH
;
_entity_poly.pdbx_strand_id   A
#
loop_
_chem_comp.id
_chem_comp.type
_chem_comp.name
_chem_comp.formula
EDO non-polymer 1,2-ETHANEDIOL 'C2 H6 O2'
SO4 non-polymer 'SULFATE ION' 'O4 S -2'
ZN non-polymer 'ZINC ION' 'Zn 2'
#
# COMPACT_ATOMS: atom_id res chain seq x y z
N MET A 1 43.82 -8.89 2.59
CA MET A 1 44.47 -9.13 1.26
C MET A 1 44.06 -8.05 0.26
N ALA A 2 42.93 -8.22 -0.42
CA ALA A 2 42.53 -7.28 -1.48
C ALA A 2 42.40 -5.85 -0.94
N THR A 3 42.72 -4.87 -1.78
CA THR A 3 42.52 -3.47 -1.40
C THR A 3 41.06 -3.12 -1.70
N GLN A 4 40.62 -1.99 -1.17
CA GLN A 4 39.24 -1.57 -1.39
C GLN A 4 39.01 -1.27 -2.88
N GLU A 5 39.99 -0.61 -3.50
CA GLU A 5 40.02 -0.41 -4.94
C GLU A 5 39.74 -1.72 -5.68
N GLU A 6 40.42 -2.78 -5.31
CA GLU A 6 40.23 -4.08 -5.98
C GLU A 6 38.86 -4.69 -5.69
N ILE A 7 38.37 -4.47 -4.47
CA ILE A 7 37.10 -5.02 -4.04
C ILE A 7 35.99 -4.30 -4.84
N LEU A 8 36.11 -2.99 -4.93
CA LEU A 8 35.19 -2.19 -5.72
C LEU A 8 35.10 -2.65 -7.18
N ASP A 9 36.24 -2.86 -7.83
CA ASP A 9 36.24 -3.26 -9.25
C ASP A 9 35.53 -4.60 -9.47
N ALA A 10 35.81 -5.54 -8.60
CA ALA A 10 35.14 -6.85 -8.67
C ALA A 10 33.65 -6.74 -8.29
N ALA A 11 33.34 -5.98 -7.24
CA ALA A 11 31.93 -5.68 -6.85
C ALA A 11 31.09 -5.06 -8.01
N LEU A 12 31.71 -4.19 -8.81
CA LEU A 12 31.03 -3.61 -9.98
C LEU A 12 30.60 -4.63 -11.00
N VAL A 13 31.28 -5.76 -11.04
CA VAL A 13 30.88 -6.80 -11.97
C VAL A 13 29.79 -7.66 -11.39
N SER A 14 29.97 -8.05 -10.14
CA SER A 14 29.19 -9.13 -9.54
C SER A 14 28.02 -8.64 -8.66
N GLY A 15 28.14 -7.43 -8.14
CA GLY A 15 27.20 -6.93 -7.15
C GLY A 15 27.62 -7.34 -5.76
N ASP A 16 28.73 -8.06 -5.63
CA ASP A 16 29.15 -8.55 -4.33
C ASP A 16 29.91 -7.54 -3.53
N SER A 17 29.16 -6.83 -2.70
CA SER A 17 29.68 -5.80 -1.87
C SER A 17 30.05 -6.27 -0.44
N SER A 18 30.06 -7.59 -0.21
CA SER A 18 30.44 -8.19 1.12
C SER A 18 31.60 -7.53 1.84
N GLN A 19 32.70 -7.34 1.13
CA GLN A 19 33.92 -6.82 1.75
C GLN A 19 34.15 -5.32 1.49
N LEU A 20 33.18 -4.65 0.85
CA LEU A 20 33.33 -3.24 0.48
C LEU A 20 32.92 -2.31 1.63
N THR A 21 33.88 -1.55 2.15
CA THR A 21 33.63 -0.72 3.33
C THR A 21 33.99 0.74 3.22
N ASP A 22 34.81 1.10 2.23
CA ASP A 22 35.32 2.47 2.11
C ASP A 22 34.33 3.26 1.25
N SER A 23 33.39 3.97 1.89
CA SER A 23 32.31 4.59 1.12
C SER A 23 32.86 5.80 0.32
N HIS A 24 33.85 6.46 0.91
CA HIS A 24 34.47 7.63 0.30
C HIS A 24 35.12 7.29 -1.04
N LEU A 25 35.74 6.13 -1.10
CA LEU A 25 36.36 5.69 -2.31
C LEU A 25 35.33 5.51 -3.43
N VAL A 26 34.22 4.87 -3.08
CA VAL A 26 33.17 4.59 -4.04
C VAL A 26 32.60 5.90 -4.55
N ALA A 27 32.45 6.82 -3.62
CA ALA A 27 31.92 8.15 -3.87
C ALA A 27 32.81 8.98 -4.81
N LEU A 28 34.13 8.85 -4.69
CA LEU A 28 35.04 9.47 -5.68
C LEU A 28 34.83 8.90 -7.07
N ARG A 29 34.70 7.60 -7.14
CA ARG A 29 34.45 6.97 -8.41
C ARG A 29 33.09 7.38 -9.00
N LEU A 30 32.07 7.44 -8.17
CA LEU A 30 30.76 7.90 -8.61
C LEU A 30 30.88 9.35 -9.15
N GLN A 31 31.59 10.21 -8.45
CA GLN A 31 31.82 11.61 -8.86
C GLN A 31 32.44 11.66 -10.27
N GLN A 32 33.44 10.82 -10.52
CA GLN A 32 34.09 10.80 -11.85
C GLN A 32 33.13 10.39 -12.92
N GLN A 33 32.33 9.38 -12.61
CA GLN A 33 31.39 8.82 -13.54
C GLN A 33 30.26 9.79 -13.85
N VAL A 34 29.75 10.47 -12.84
CA VAL A 34 28.69 11.45 -13.02
C VAL A 34 29.24 12.62 -13.85
N GLU A 35 30.51 12.93 -13.69
CA GLU A 35 31.15 13.97 -14.49
C GLU A 35 31.37 13.51 -15.92
N ARG A 36 31.78 12.25 -16.13
CA ARG A 36 31.84 11.72 -17.48
C ARG A 36 30.52 11.89 -18.21
N ILE A 37 29.44 11.55 -17.55
CA ILE A 37 28.12 11.59 -18.17
C ILE A 37 27.72 13.05 -18.50
N ARG A 38 27.96 13.98 -17.58
CA ARG A 38 27.60 15.37 -17.82
C ARG A 38 28.42 15.90 -19.01
N GLN A 39 29.71 15.57 -19.08
CA GLN A 39 30.53 16.01 -20.24
C GLN A 39 30.03 15.43 -21.54
N THR A 40 29.64 14.15 -21.54
CA THR A 40 29.21 13.51 -22.76
C THR A 40 27.87 14.09 -23.22
N ARG A 41 26.97 14.28 -22.28
CA ARG A 41 25.68 14.91 -22.54
C ARG A 41 25.80 16.33 -23.10
N THR A 42 26.62 17.14 -22.46
CA THR A 42 26.69 18.52 -22.81
C THR A 42 27.35 18.70 -24.17
N GLN A 43 28.32 17.87 -24.54
CA GLN A 43 28.87 17.96 -25.86
C GLN A 43 27.87 17.55 -26.92
N LEU A 44 27.08 16.52 -26.65
CA LEU A 44 26.05 16.11 -27.60
C LEU A 44 24.94 17.15 -27.75
N LEU A 45 24.43 17.66 -26.63
CA LEU A 45 23.34 18.62 -26.71
C LEU A 45 23.80 19.93 -27.33
N ASP A 46 25.02 20.35 -27.04
CA ASP A 46 25.52 21.61 -27.53
C ASP A 46 25.70 21.52 -29.03
N GLY A 47 26.17 20.36 -29.48
CA GLY A 47 26.29 20.05 -30.89
C GLY A 47 24.94 20.00 -31.58
N LEU A 48 23.92 19.46 -30.91
CA LEU A 48 22.53 19.47 -31.49
C LEU A 48 21.97 20.85 -31.62
N TYR A 49 22.00 21.63 -30.54
CA TYR A 49 21.27 22.90 -30.47
C TYR A 49 21.95 24.03 -31.26
N GLN A 50 23.26 24.09 -31.17
CA GLN A 50 24.03 25.30 -31.57
C GLN A 50 23.22 26.54 -31.19
N ASN A 51 23.10 27.51 -32.11
CA ASN A 51 22.30 28.70 -31.86
C ASN A 51 20.99 28.68 -32.55
N LEU A 52 20.49 27.47 -32.86
CA LEU A 52 19.14 27.35 -33.43
C LEU A 52 18.02 27.60 -32.46
N SER A 53 16.83 27.91 -33.00
CA SER A 53 15.72 28.18 -32.14
C SER A 53 15.38 26.94 -31.32
N GLN A 54 15.13 27.16 -30.05
CA GLN A 54 14.71 26.14 -29.12
C GLN A 54 13.17 26.03 -29.01
N ALA A 55 12.43 26.87 -29.73
CA ALA A 55 10.96 26.87 -29.62
C ALA A 55 10.38 25.49 -30.00
N TYR A 56 9.56 24.98 -29.11
CA TYR A 56 8.88 23.70 -29.34
C TYR A 56 7.69 23.61 -28.43
N ASP A 57 6.50 23.56 -29.05
CA ASP A 57 5.26 23.51 -28.35
C ASP A 57 4.44 22.33 -28.84
N PRO A 58 4.36 21.27 -28.04
CA PRO A 58 3.63 20.09 -28.50
C PRO A 58 2.13 20.15 -28.20
N GLY A 59 1.67 21.18 -27.51
CA GLY A 59 0.24 21.33 -27.24
C GLY A 59 -0.20 20.42 -26.12
N ALA A 60 -1.46 20.61 -25.70
CA ALA A 60 -2.08 19.78 -24.69
C ALA A 60 -2.20 18.30 -25.17
N ALA A 61 -2.48 18.09 -26.46
CA ALA A 61 -2.64 16.73 -27.06
C ALA A 61 -1.29 16.05 -27.41
N SER A 62 -0.58 15.69 -26.36
CA SER A 62 0.75 15.17 -26.49
C SER A 62 1.08 14.53 -25.22
N MET A 63 2.17 13.76 -25.24
CA MET A 63 2.60 12.95 -24.16
C MET A 63 4.01 13.35 -23.75
N TRP A 64 4.36 13.12 -22.48
CA TRP A 64 5.74 13.24 -22.06
C TRP A 64 6.47 11.96 -22.38
N VAL A 65 7.75 12.09 -22.71
CA VAL A 65 8.64 10.98 -23.00
C VAL A 65 9.91 11.15 -22.20
N LEU A 66 10.13 10.22 -21.29
CA LEU A 66 11.17 10.35 -20.32
C LEU A 66 12.35 9.42 -20.56
N PRO A 67 13.53 9.84 -20.11
CA PRO A 67 14.65 8.92 -20.00
C PRO A 67 14.44 7.89 -18.87
N ALA A 68 15.31 6.89 -18.87
CA ALA A 68 15.40 5.85 -17.80
C ALA A 68 16.86 5.74 -17.30
N ASN A 69 17.68 4.90 -17.92
CA ASN A 69 19.08 4.81 -17.48
C ASN A 69 19.83 6.11 -17.86
N PRO A 70 20.34 6.84 -16.85
CA PRO A 70 20.96 8.14 -17.12
C PRO A 70 22.24 8.04 -17.91
N ASP A 71 22.88 6.88 -17.85
CA ASP A 71 24.12 6.70 -18.62
C ASP A 71 23.91 6.66 -20.12
N ASN A 72 22.75 6.23 -20.57
CA ASN A 72 22.49 6.01 -21.99
C ASN A 72 21.31 6.76 -22.55
N THR A 73 20.53 7.45 -21.70
CA THR A 73 19.36 8.17 -22.20
C THR A 73 19.31 9.53 -21.53
N LEU A 74 18.67 10.51 -22.16
CA LEU A 74 18.71 11.88 -21.69
C LEU A 74 17.63 12.73 -22.36
N PRO A 75 17.23 13.85 -21.73
CA PRO A 75 16.21 14.61 -22.38
C PRO A 75 16.77 15.34 -23.62
N PHE A 76 15.90 15.62 -24.57
CA PHE A 76 16.20 16.51 -25.71
C PHE A 76 15.52 17.87 -25.58
N LEU A 77 14.25 17.86 -25.14
CA LEU A 77 13.43 19.05 -25.03
C LEU A 77 12.76 18.98 -23.66
N ILE A 78 13.04 19.95 -22.81
CA ILE A 78 12.45 20.06 -21.47
C ILE A 78 11.72 21.40 -21.42
N GLY A 79 10.43 21.37 -21.16
CA GLY A 79 9.65 22.57 -21.08
C GLY A 79 9.96 23.42 -19.86
N ASP A 80 9.45 24.67 -19.87
CA ASP A 80 9.62 25.58 -18.73
C ASP A 80 9.03 25.02 -17.45
N LYS A 81 8.03 24.16 -17.56
CA LYS A 81 7.50 23.51 -16.36
C LYS A 81 8.27 22.25 -16.01
N GLY A 82 9.36 21.97 -16.72
CA GLY A 82 10.21 20.85 -16.41
C GLY A 82 9.72 19.49 -16.92
N ARG A 83 8.78 19.46 -17.84
CA ARG A 83 8.26 18.19 -18.39
C ARG A 83 9.15 17.83 -19.57
N VAL A 84 9.52 16.55 -19.69
CA VAL A 84 10.37 16.10 -20.78
C VAL A 84 9.48 15.78 -21.96
N LEU A 85 9.64 16.55 -23.02
CA LEU A 85 8.79 16.48 -24.20
C LEU A 85 9.38 15.61 -25.30
N ALA A 86 10.66 15.33 -25.21
CA ALA A 86 11.35 14.44 -26.15
C ALA A 86 12.63 13.99 -25.55
N SER A 87 13.06 12.77 -25.85
CA SER A 87 14.28 12.24 -25.26
C SER A 87 15.16 11.53 -26.24
N LEU A 88 16.44 11.45 -25.92
CA LEU A 88 17.45 10.84 -26.79
C LEU A 88 17.85 9.51 -26.19
N SER A 89 18.14 8.50 -27.03
CA SER A 89 18.62 7.22 -26.56
C SER A 89 19.90 6.83 -27.29
N LEU A 90 20.92 6.45 -26.51
CA LEU A 90 22.10 5.75 -27.01
C LEU A 90 22.11 4.32 -26.45
N GLU A 91 20.94 3.78 -26.13
CA GLU A 91 20.90 2.43 -25.53
C GLU A 91 21.43 1.40 -26.56
N ALA A 92 22.20 0.44 -26.05
CA ALA A 92 22.71 -0.72 -26.79
C ALA A 92 23.61 -0.26 -27.92
N GLY A 93 24.26 0.87 -27.68
CA GLY A 93 25.19 1.49 -28.62
C GLY A 93 24.56 2.08 -29.85
N GLY A 94 23.24 2.21 -29.83
CA GLY A 94 22.48 2.76 -30.93
C GLY A 94 22.21 4.27 -30.82
N ARG A 95 21.31 4.76 -31.67
CA ARG A 95 20.87 6.16 -31.70
C ARG A 95 19.39 6.27 -31.94
N GLY A 96 18.68 6.87 -30.99
CA GLY A 96 17.28 6.99 -31.12
C GLY A 96 16.82 8.30 -30.54
N LEU A 97 15.66 8.74 -31.02
CA LEU A 97 15.04 9.95 -30.56
C LEU A 97 13.54 9.78 -30.58
N ALA A 98 12.91 10.28 -29.54
CA ALA A 98 11.52 10.09 -29.35
C ALA A 98 10.84 11.35 -28.93
N TYR A 99 9.77 11.68 -29.64
CA TYR A 99 8.93 12.83 -29.33
C TYR A 99 7.55 12.42 -28.86
N GLY A 100 7.01 13.27 -27.99
CA GLY A 100 5.66 13.14 -27.47
C GLY A 100 4.49 13.52 -28.32
N THR A 101 4.72 13.90 -29.58
CA THR A 101 3.64 14.14 -30.52
C THR A 101 4.27 14.00 -31.90
N ASN A 102 3.45 14.04 -32.95
CA ASN A 102 3.95 13.88 -34.29
C ASN A 102 4.42 15.25 -34.81
N VAL A 103 5.60 15.63 -34.35
CA VAL A 103 6.24 16.92 -34.69
C VAL A 103 6.44 17.00 -36.22
N LEU A 104 6.56 15.85 -36.88
CA LEU A 104 6.80 15.81 -38.34
C LEU A 104 5.71 16.42 -39.17
N THR A 105 4.49 16.43 -38.69
CA THR A 105 3.40 17.06 -39.43
C THR A 105 3.10 18.46 -38.94
N GLN A 106 3.98 19.01 -38.11
CA GLN A 106 3.77 20.37 -37.59
C GLN A 106 4.91 21.31 -38.02
N LEU A 107 5.84 20.82 -38.86
CA LEU A 107 7.00 21.54 -39.29
C LEU A 107 6.71 22.63 -40.32
N SER A 108 5.43 22.81 -40.66
CA SER A 108 4.93 23.90 -41.49
C SER A 108 3.82 24.62 -40.80
N GLY A 109 3.75 24.48 -39.49
CA GLY A 109 2.70 25.07 -38.70
C GLY A 109 3.24 25.48 -37.34
N THR A 110 2.64 24.95 -36.30
CA THR A 110 2.95 25.31 -34.93
C THR A 110 4.44 25.20 -34.62
N ASN A 111 5.14 24.27 -35.25
CA ASN A 111 6.55 23.99 -34.93
C ASN A 111 7.46 24.13 -36.10
N ALA A 112 7.08 25.05 -36.98
CA ALA A 112 7.98 25.50 -38.05
C ALA A 112 9.36 25.91 -37.52
N ALA A 113 9.38 26.59 -36.38
CA ALA A 113 10.62 27.06 -35.73
C ALA A 113 11.58 25.95 -35.31
N HIS A 114 11.02 24.76 -35.07
CA HIS A 114 11.79 23.63 -34.66
C HIS A 114 12.49 22.93 -35.80
N ALA A 115 12.06 23.17 -37.03
CA ALA A 115 12.58 22.41 -38.13
C ALA A 115 14.11 22.37 -38.28
N PRO A 116 14.80 23.52 -38.09
CA PRO A 116 16.25 23.42 -38.19
C PRO A 116 16.94 22.57 -37.11
N LEU A 117 16.41 22.59 -35.90
CA LEU A 117 16.93 21.73 -34.84
C LEU A 117 16.60 20.26 -35.16
N LEU A 118 15.40 20.02 -35.67
CA LEU A 118 15.02 18.67 -36.11
C LEU A 118 15.99 18.14 -37.17
N LYS A 119 16.36 19.00 -38.13
CA LYS A 119 17.35 18.60 -39.12
C LYS A 119 18.66 18.20 -38.50
N ARG A 120 19.17 18.97 -37.53
CA ARG A 120 20.37 18.53 -36.81
C ARG A 120 20.18 17.20 -36.05
N ALA A 121 19.00 17.00 -35.50
CA ALA A 121 18.73 15.76 -34.77
C ALA A 121 18.71 14.56 -35.75
N VAL A 122 18.19 14.78 -36.96
CA VAL A 122 18.18 13.72 -37.94
C VAL A 122 19.60 13.40 -38.45
N GLN A 123 20.40 14.43 -38.62
CA GLN A 123 21.80 14.27 -38.97
C GLN A 123 22.53 13.45 -37.92
N TRP A 124 22.23 13.73 -36.66
CA TRP A 124 22.82 12.96 -35.59
C TRP A 124 22.34 11.51 -35.66
N LEU A 125 21.06 11.31 -35.93
CA LEU A 125 20.51 9.95 -36.00
C LEU A 125 21.22 9.18 -37.13
N VAL A 126 21.27 9.80 -38.31
CA VAL A 126 21.74 9.14 -39.52
C VAL A 126 23.24 8.95 -39.50
N ASN A 127 23.94 10.00 -39.05
CA ASN A 127 25.40 9.99 -39.12
C ASN A 127 26.14 9.90 -37.82
N GLY A 128 25.46 10.08 -36.67
CA GLY A 128 26.17 10.11 -35.38
C GLY A 128 26.80 11.46 -35.09
N ASP A 129 26.55 12.43 -35.93
CA ASP A 129 27.17 13.76 -35.83
C ASP A 129 26.11 14.73 -36.27
N PRO A 130 25.72 15.67 -35.39
CA PRO A 130 24.58 16.58 -35.72
C PRO A 130 24.91 17.60 -36.85
N GLY A 131 26.19 17.79 -37.13
CA GLY A 131 26.62 18.67 -38.22
C GLY A 131 26.95 17.95 -39.52
N ALA A 132 26.78 16.62 -39.57
CA ALA A 132 27.10 15.85 -40.79
C ALA A 132 25.87 15.70 -41.67
N ALA A 133 25.95 16.28 -42.86
CA ALA A 133 24.87 16.21 -43.82
C ALA A 133 24.48 14.77 -44.13
N THR A 134 23.19 14.59 -44.38
CA THR A 134 22.67 13.33 -44.90
C THR A 134 22.91 13.31 -46.41
N ALA A 135 23.02 12.12 -47.01
CA ALA A 135 23.09 12.04 -48.48
C ALA A 135 21.74 12.34 -49.10
N LYS A 136 21.74 12.89 -50.31
CA LYS A 136 20.50 13.08 -51.03
C LYS A 136 19.82 11.71 -51.24
N ASP A 137 18.50 11.70 -51.14
CA ASP A 137 17.74 10.43 -51.21
C ASP A 137 18.12 9.35 -50.19
N PHE A 138 18.69 9.73 -49.05
CA PHE A 138 18.90 8.78 -47.97
C PHE A 138 17.62 7.97 -47.61
N LYS A 139 17.76 6.68 -47.41
CA LYS A 139 16.59 5.82 -47.38
C LYS A 139 15.97 5.82 -45.98
N VAL A 140 14.72 6.21 -45.92
CA VAL A 140 13.94 6.26 -44.71
C VAL A 140 12.73 5.29 -44.80
N SER A 141 12.63 4.41 -43.82
CA SER A 141 11.46 3.55 -43.63
C SER A 141 10.53 4.15 -42.57
N VAL A 142 9.28 4.41 -42.95
CA VAL A 142 8.26 4.97 -42.08
C VAL A 142 7.23 3.89 -41.79
N VAL A 143 7.07 3.53 -40.52
CA VAL A 143 6.17 2.43 -40.13
C VAL A 143 5.25 2.88 -38.98
N GLY A 144 3.95 2.85 -39.19
CA GLY A 144 2.98 3.06 -38.12
C GLY A 144 2.53 4.49 -37.97
N VAL A 145 2.82 5.28 -38.98
CA VAL A 145 2.43 6.65 -39.01
C VAL A 145 2.42 7.05 -40.52
N ASP A 146 1.60 8.00 -40.92
CA ASP A 146 1.48 8.26 -42.35
C ASP A 146 2.81 8.53 -43.04
N LYS A 147 3.12 7.71 -44.05
CA LYS A 147 4.41 7.78 -44.71
C LYS A 147 4.65 9.10 -45.50
N THR A 148 3.66 9.48 -46.30
CA THR A 148 3.81 10.64 -47.14
C THR A 148 3.93 11.91 -46.29
N ALA A 149 3.09 12.04 -45.26
CA ALA A 149 3.13 13.20 -44.38
C ALA A 149 4.47 13.24 -43.61
N ALA A 150 4.97 12.10 -43.13
CA ALA A 150 6.23 12.07 -42.43
C ALA A 150 7.38 12.45 -43.38
N LEU A 151 7.41 11.90 -44.58
CA LEU A 151 8.50 12.19 -45.51
C LEU A 151 8.46 13.66 -45.95
N ASN A 152 7.28 14.20 -46.18
CA ASN A 152 7.16 15.58 -46.50
C ASN A 152 7.60 16.52 -45.38
N GLY A 153 7.35 16.11 -44.13
CA GLY A 153 7.84 16.82 -42.96
C GLY A 153 9.36 16.92 -42.95
N LEU A 154 10.04 15.80 -43.21
CA LEU A 154 11.43 15.77 -43.23
C LEU A 154 11.96 16.67 -44.35
N LYS A 155 11.28 16.66 -45.50
CA LYS A 155 11.65 17.51 -46.65
C LYS A 155 11.49 18.96 -46.29
N SER A 156 10.39 19.34 -45.63
CA SER A 156 10.21 20.71 -45.26
C SER A 156 11.23 21.19 -44.21
N ALA A 157 11.87 20.27 -43.51
CA ALA A 157 12.99 20.62 -42.63
C ALA A 157 14.33 20.75 -43.37
N GLY A 158 14.33 20.60 -44.68
CA GLY A 158 15.50 20.74 -45.48
C GLY A 158 16.29 19.47 -45.65
N LEU A 159 15.70 18.32 -45.36
CA LEU A 159 16.30 17.06 -45.70
C LEU A 159 15.75 16.54 -47.05
N GLN A 160 16.48 15.63 -47.69
CA GLN A 160 16.02 15.01 -48.96
C GLN A 160 15.92 13.49 -48.82
N PRO A 161 14.96 13.00 -48.01
CA PRO A 161 14.92 11.57 -47.80
C PRO A 161 14.28 10.89 -49.02
N ALA A 162 14.53 9.60 -49.22
CA ALA A 162 13.70 8.82 -50.16
C ALA A 162 13.06 7.68 -49.39
N ASP A 163 11.84 7.34 -49.79
CA ASP A 163 11.10 6.19 -49.24
C ASP A 163 11.93 4.93 -49.40
N ALA A 164 12.24 4.24 -48.31
CA ALA A 164 12.93 2.97 -48.42
C ALA A 164 12.05 1.92 -49.15
N ALA A 165 10.74 2.14 -49.16
CA ALA A 165 9.75 1.24 -49.78
C ALA A 165 9.81 -0.21 -49.27
N CYS A 166 10.29 -0.41 -48.02
CA CYS A 166 10.27 -1.68 -47.30
C CYS A 166 10.15 -1.32 -45.81
N ASN A 167 9.91 -2.33 -44.99
CA ASN A 167 9.61 -2.10 -43.57
C ASN A 167 10.82 -2.41 -42.76
N ALA A 168 11.52 -1.38 -42.25
CA ALA A 168 12.74 -1.66 -41.47
C ALA A 168 12.50 -2.10 -40.03
N LEU A 169 11.28 -2.00 -39.54
CA LEU A 169 10.97 -2.56 -38.21
C LEU A 169 10.91 -4.10 -38.25
N THR A 170 10.08 -4.61 -39.15
CA THR A 170 9.83 -6.05 -39.23
C THR A 170 10.81 -6.82 -40.11
N ASP A 171 11.51 -6.15 -41.03
CA ASP A 171 12.41 -6.83 -41.99
C ASP A 171 13.87 -6.48 -41.75
N ALA A 172 14.64 -7.45 -41.30
CA ALA A 172 16.02 -7.22 -40.93
C ALA A 172 16.92 -6.86 -42.11
N SER A 173 16.58 -7.32 -43.31
CA SER A 173 17.36 -6.90 -44.51
C SER A 173 17.07 -5.45 -44.88
N CYS A 174 15.79 -5.05 -44.79
CA CYS A 174 15.43 -3.68 -45.02
C CYS A 174 16.15 -2.80 -44.00
N ALA A 175 16.19 -3.24 -42.75
CA ALA A 175 16.96 -2.51 -41.73
C ALA A 175 18.42 -2.27 -42.13
N SER A 176 19.06 -3.27 -42.72
CA SER A 176 20.49 -3.18 -43.02
C SER A 176 20.75 -2.18 -44.14
N THR A 177 19.76 -1.88 -44.96
CA THR A 177 19.96 -0.94 -46.04
C THR A 177 19.43 0.43 -45.74
N SER A 178 18.56 0.54 -44.72
CA SER A 178 17.89 1.79 -44.41
C SER A 178 18.80 2.65 -43.54
N LYS A 179 18.65 3.95 -43.70
CA LYS A 179 19.43 4.96 -42.96
C LYS A 179 18.69 5.48 -41.71
N LEU A 180 17.38 5.32 -41.71
CA LEU A 180 16.51 5.78 -40.60
C LEU A 180 15.17 5.06 -40.60
N LEU A 181 14.69 4.70 -39.41
CA LEU A 181 13.36 4.19 -39.22
C LEU A 181 12.55 5.19 -38.41
N VAL A 182 11.39 5.56 -38.94
CA VAL A 182 10.46 6.41 -38.24
C VAL A 182 9.25 5.55 -37.86
N LEU A 183 8.92 5.58 -36.56
CA LEU A 183 7.84 4.76 -35.97
C LEU A 183 6.76 5.65 -35.36
N GLY A 184 5.52 5.22 -35.50
CA GLY A 184 4.36 5.77 -34.81
C GLY A 184 3.57 4.62 -34.16
N ASN A 185 2.44 4.96 -33.52
CA ASN A 185 1.78 3.95 -32.69
C ASN A 185 0.82 3.08 -33.46
N GLY A 186 0.79 3.26 -34.80
CA GLY A 186 0.06 2.30 -35.64
C GLY A 186 0.83 1.10 -36.12
N ALA A 187 2.03 0.90 -35.57
CA ALA A 187 2.94 -0.09 -36.05
C ALA A 187 2.45 -1.50 -35.67
N SER A 188 2.78 -2.47 -36.53
CA SER A 188 2.57 -3.91 -36.24
C SER A 188 3.95 -4.58 -36.25
N ALA A 189 4.17 -5.50 -35.31
CA ALA A 189 5.40 -6.30 -35.25
C ALA A 189 5.25 -7.35 -34.17
N ALA A 190 5.99 -8.42 -34.37
CA ALA A 190 6.17 -9.42 -33.34
C ALA A 190 7.13 -8.87 -32.31
N SER A 191 6.86 -9.17 -31.04
CA SER A 191 7.78 -8.86 -29.93
C SER A 191 8.35 -7.47 -30.11
N LEU A 192 7.45 -6.52 -30.08
CA LEU A 192 7.72 -5.16 -30.46
C LEU A 192 8.86 -4.53 -29.68
N SER A 193 8.88 -4.63 -28.36
CA SER A 193 10.00 -4.12 -27.58
C SER A 193 11.34 -4.74 -27.96
N ALA A 194 11.43 -6.07 -28.00
CA ALA A 194 12.69 -6.73 -28.34
C ALA A 194 13.11 -6.43 -29.78
N THR A 195 12.14 -6.32 -30.66
CA THR A 195 12.42 -6.07 -32.06
C THR A 195 13.04 -4.67 -32.19
N VAL A 196 12.38 -3.66 -31.61
CA VAL A 196 12.94 -2.29 -31.57
C VAL A 196 14.39 -2.29 -31.06
N ARG A 197 14.61 -2.91 -29.91
CA ARG A 197 15.93 -3.05 -29.33
C ARG A 197 16.93 -3.72 -30.27
N ALA A 198 16.50 -4.77 -30.96
CA ALA A 198 17.38 -5.50 -31.87
C ALA A 198 17.82 -4.54 -33.00
N ARG A 199 16.85 -3.85 -33.59
CA ARG A 199 17.19 -2.91 -34.65
C ARG A 199 18.15 -1.86 -34.17
N LEU A 200 17.89 -1.36 -32.95
CA LEU A 200 18.71 -0.30 -32.36
C LEU A 200 20.14 -0.79 -32.16
N GLN A 201 20.27 -1.98 -31.59
CA GLN A 201 21.54 -2.61 -31.35
C GLN A 201 22.34 -2.86 -32.64
N ALA A 202 21.63 -3.16 -33.71
CA ALA A 202 22.27 -3.47 -34.97
C ALA A 202 22.70 -2.21 -35.69
N GLY A 203 22.25 -1.04 -35.21
CA GLY A 203 22.77 0.22 -35.72
C GLY A 203 21.78 0.95 -36.61
N LEU A 204 20.52 0.52 -36.64
CA LEU A 204 19.50 1.29 -37.32
C LEU A 204 19.02 2.45 -36.40
N PRO A 205 19.20 3.72 -36.85
CA PRO A 205 18.65 4.87 -36.09
C PRO A 205 17.15 4.94 -36.14
N ILE A 206 16.55 5.32 -35.02
CA ILE A 206 15.15 5.30 -34.89
C ILE A 206 14.64 6.65 -34.38
N LEU A 207 13.60 7.13 -35.03
CA LEU A 207 12.88 8.34 -34.65
C LEU A 207 11.46 7.92 -34.36
N PHE A 208 11.05 8.04 -33.10
CA PHE A 208 9.69 7.73 -32.70
C PHE A 208 8.87 8.99 -32.49
N VAL A 209 7.66 9.00 -33.02
CA VAL A 209 6.69 10.01 -32.69
C VAL A 209 5.43 9.40 -32.07
N HIS A 210 5.05 9.89 -30.92
CA HIS A 210 3.76 9.54 -30.31
C HIS A 210 2.64 10.08 -31.10
N THR A 211 1.72 9.21 -31.50
CA THR A 211 0.70 9.56 -32.45
C THR A 211 -0.71 9.65 -31.87
N ASN A 212 -0.86 9.43 -30.58
CA ASN A 212 -2.20 9.42 -29.96
C ASN A 212 -2.47 10.60 -29.02
N GLY A 213 -1.83 11.73 -29.26
CA GLY A 213 -2.14 12.92 -28.46
C GLY A 213 -1.87 12.73 -26.98
N TRP A 214 -2.83 13.11 -26.13
CA TRP A 214 -2.67 13.02 -24.68
C TRP A 214 -3.01 11.61 -24.18
N ASN A 215 -3.46 10.73 -25.06
CA ASN A 215 -3.65 9.28 -24.74
C ASN A 215 -2.37 8.48 -24.65
N GLN A 216 -2.36 7.60 -23.67
CA GLN A 216 -1.36 6.60 -23.57
C GLN A 216 -1.56 5.53 -24.66
N SER A 217 -0.50 4.79 -24.95
CA SER A 217 -0.50 3.81 -26.03
C SER A 217 0.36 2.65 -25.65
N SER A 218 -0.20 1.43 -25.72
CA SER A 218 0.58 0.27 -25.41
C SER A 218 1.69 0.05 -26.44
N THR A 219 1.37 0.24 -27.69
CA THR A 219 2.38 0.09 -28.75
C THR A 219 3.50 1.13 -28.49
N GLY A 220 3.07 2.33 -28.17
CA GLY A 220 4.02 3.43 -27.83
C GLY A 220 4.93 3.04 -26.69
N GLN A 221 4.32 2.48 -25.63
CA GLN A 221 5.10 2.07 -24.47
C GLN A 221 6.07 1.02 -24.84
N GLN A 222 5.69 0.08 -25.70
CA GLN A 222 6.58 -1.02 -26.06
C GLN A 222 7.75 -0.52 -26.93
N ILE A 223 7.46 0.36 -27.87
CA ILE A 223 8.54 0.99 -28.67
C ILE A 223 9.53 1.73 -27.77
N LEU A 224 8.98 2.52 -26.84
CA LEU A 224 9.84 3.27 -25.94
C LEU A 224 10.71 2.37 -25.11
N ALA A 225 10.14 1.24 -24.63
CA ALA A 225 10.92 0.33 -23.85
C ALA A 225 12.08 -0.19 -24.67
N GLY A 226 11.83 -0.46 -25.93
CA GLY A 226 12.93 -0.92 -26.81
C GLY A 226 14.05 0.09 -26.96
N LEU A 227 13.68 1.38 -26.89
CA LEU A 227 14.64 2.51 -26.90
C LEU A 227 15.20 2.78 -25.54
N GLY A 228 14.76 2.06 -24.52
CA GLY A 228 15.17 2.42 -23.16
C GLY A 228 14.59 3.71 -22.59
N LEU A 229 13.41 4.09 -23.05
CA LEU A 229 12.74 5.25 -22.59
C LEU A 229 11.40 4.88 -21.99
N GLN A 230 10.63 5.88 -21.60
CA GLN A 230 9.48 5.68 -20.72
C GLN A 230 8.39 6.61 -21.16
N GLU A 231 7.19 6.07 -21.34
CA GLU A 231 6.03 6.90 -21.57
C GLU A 231 5.69 7.67 -20.31
N GLY A 232 5.31 8.92 -20.47
CA GLY A 232 4.95 9.73 -19.32
C GLY A 232 3.63 9.27 -18.67
N PRO A 233 3.25 9.88 -17.54
CA PRO A 233 1.99 9.45 -16.87
C PRO A 233 0.71 9.83 -17.59
N TYR A 234 -0.37 9.22 -17.10
CA TYR A 234 -1.73 9.47 -17.54
C TYR A 234 -2.03 10.95 -17.72
N GLY A 235 -2.70 11.29 -18.82
CA GLY A 235 -3.08 12.68 -19.08
C GLY A 235 -2.10 13.45 -19.96
N GLY A 236 -0.87 12.97 -20.07
CA GLY A 236 0.12 13.58 -20.95
C GLY A 236 0.32 15.04 -20.57
N ASN A 237 0.28 15.89 -21.58
CA ASN A 237 0.49 17.31 -21.43
C ASN A 237 -0.82 18.09 -21.27
N TYR A 238 -1.91 17.37 -20.99
CA TYR A 238 -3.26 17.96 -21.04
C TYR A 238 -3.45 19.13 -20.09
N TRP A 239 -3.02 18.97 -18.86
CA TRP A 239 -3.13 20.05 -17.86
C TRP A 239 -2.02 21.09 -17.94
N ASP A 240 -0.75 20.67 -18.03
CA ASP A 240 0.36 21.60 -17.98
C ASP A 240 0.58 22.37 -19.23
N LYS A 241 0.23 21.80 -20.38
CA LYS A 241 0.52 22.41 -21.66
C LYS A 241 1.95 22.95 -21.74
N ASP A 242 2.88 22.20 -21.18
CA ASP A 242 4.28 22.64 -21.17
C ASP A 242 4.85 22.74 -22.61
N ARG A 243 5.82 23.63 -22.78
CA ARG A 243 6.48 23.93 -24.06
C ARG A 243 7.83 24.59 -23.74
N VAL A 244 8.71 24.58 -24.73
CA VAL A 244 9.97 25.28 -24.68
C VAL A 244 9.75 26.60 -25.45
N PRO A 245 9.93 27.73 -24.77
CA PRO A 245 9.74 29.03 -25.40
C PRO A 245 10.88 29.42 -26.35
N SER A 246 10.57 30.30 -27.29
CA SER A 246 11.57 30.95 -28.14
C SER A 246 12.66 31.63 -27.36
N SER A 247 12.33 32.08 -26.17
CA SER A 247 13.33 32.76 -25.35
C SER A 247 14.33 31.80 -24.74
N ARG A 248 14.13 30.48 -24.88
CA ARG A 248 15.06 29.55 -24.27
C ARG A 248 16.41 29.60 -24.93
N THR A 249 17.48 29.62 -24.13
CA THR A 249 18.84 29.70 -24.63
C THR A 249 19.52 28.33 -24.71
N ARG A 250 20.50 28.23 -25.62
CA ARG A 250 21.42 27.09 -25.73
C ARG A 250 22.00 26.70 -24.37
N THR A 251 22.55 27.67 -23.63
CA THR A 251 23.23 27.39 -22.41
C THR A 251 22.27 26.71 -21.43
N ARG A 252 21.04 27.24 -21.37
CA ARG A 252 20.09 26.80 -20.38
C ARG A 252 19.60 25.39 -20.68
N SER A 253 19.27 25.13 -21.94
CA SER A 253 18.89 23.77 -22.33
C SER A 253 20.02 22.76 -22.14
N VAL A 254 21.27 23.15 -22.44
CA VAL A 254 22.42 22.27 -22.23
C VAL A 254 22.58 21.94 -20.75
N GLU A 255 22.49 22.97 -19.91
CA GLU A 255 22.49 22.80 -18.45
C GLU A 255 21.37 21.86 -17.94
N LEU A 256 20.15 22.09 -18.37
CA LEU A 256 18.99 21.31 -17.90
C LEU A 256 19.09 19.85 -18.30
N GLY A 257 19.55 19.64 -19.54
CA GLY A 257 19.70 18.28 -20.09
C GLY A 257 20.88 17.55 -19.47
N GLY A 258 21.96 18.27 -19.25
CA GLY A 258 23.13 17.73 -18.55
C GLY A 258 22.82 17.35 -17.10
N ALA A 259 21.93 18.09 -16.42
CA ALA A 259 21.59 17.91 -15.01
C ALA A 259 20.44 16.88 -14.75
N TYR A 260 19.64 16.59 -15.76
CA TYR A 260 18.45 15.79 -15.60
C TYR A 260 18.77 14.42 -15.06
N GLY A 261 18.04 14.09 -14.01
CA GLY A 261 18.18 12.83 -13.29
C GLY A 261 19.59 12.56 -12.82
N GLN A 262 20.31 13.62 -12.46
CA GLN A 262 21.67 13.53 -11.95
C GLN A 262 21.74 14.46 -10.76
N ASP A 263 22.64 14.18 -9.85
CA ASP A 263 22.80 15.04 -8.71
C ASP A 263 24.25 15.20 -8.34
N PRO A 264 25.00 15.93 -9.18
CA PRO A 264 26.41 16.14 -8.83
C PRO A 264 26.57 16.91 -7.55
N ALA A 265 25.60 17.76 -7.20
CA ALA A 265 25.73 18.49 -5.96
C ALA A 265 25.64 17.51 -4.79
N LEU A 266 24.78 16.52 -4.92
CA LEU A 266 24.70 15.54 -3.83
C LEU A 266 25.99 14.73 -3.74
N VAL A 267 26.52 14.30 -4.88
CA VAL A 267 27.73 13.50 -4.90
C VAL A 267 28.92 14.28 -4.34
N GLN A 268 29.01 15.57 -4.66
CA GLN A 268 30.06 16.41 -4.09
C GLN A 268 29.90 16.46 -2.56
N GLN A 269 28.65 16.61 -2.13
CA GLN A 269 28.37 16.76 -0.72
C GLN A 269 28.84 15.56 0.04
N ILE A 270 28.54 14.39 -0.50
CA ILE A 270 29.00 13.11 -0.01
C ILE A 270 30.52 13.02 0.02
N VAL A 271 31.16 13.28 -1.12
CA VAL A 271 32.60 13.24 -1.21
C VAL A 271 33.25 14.19 -0.17
N ASP A 272 32.75 15.42 -0.08
CA ASP A 272 33.31 16.38 0.86
C ASP A 272 32.82 16.27 2.30
N GLY A 273 31.70 15.59 2.58
CA GLY A 273 31.21 15.51 3.95
C GLY A 273 30.55 16.78 4.39
N SER A 274 30.11 17.58 3.43
CA SER A 274 29.65 18.90 3.71
C SER A 274 28.17 18.90 4.06
N TRP A 275 27.81 18.12 5.07
CA TRP A 275 26.41 17.96 5.44
C TRP A 275 25.94 19.20 6.20
N ARG A 276 24.67 19.52 6.09
CA ARG A 276 24.16 20.80 6.61
C ARG A 276 24.17 20.88 8.12
N THR A 277 24.87 21.89 8.66
CA THR A 277 25.08 21.98 10.09
C THR A 277 24.03 22.85 10.77
N ASP A 278 23.14 23.48 10.04
CA ASP A 278 22.28 24.50 10.65
C ASP A 278 20.81 24.38 10.22
N TYR A 279 20.30 23.16 10.10
CA TYR A 279 18.88 23.07 9.84
C TYR A 279 18.22 23.62 11.10
N ASP A 280 17.09 24.27 10.88
CA ASP A 280 16.31 24.87 11.93
C ASP A 280 15.29 23.86 12.43
N TRP A 281 15.74 23.00 13.31
CA TRP A 281 14.93 21.91 13.84
C TRP A 281 13.76 22.42 14.67
N SER A 282 13.84 23.68 15.14
CA SER A 282 12.72 24.30 15.83
C SER A 282 11.46 24.31 14.99
N LYS A 283 11.59 24.22 13.67
CA LYS A 283 10.40 24.17 12.81
C LYS A 283 9.74 22.77 12.70
N CYS A 284 10.35 21.74 13.28
CA CYS A 284 9.71 20.40 13.35
C CYS A 284 8.48 20.52 14.23
N THR A 285 7.45 19.72 13.97
CA THR A 285 6.31 19.65 14.88
C THR A 285 6.20 18.21 15.42
N SER A 286 5.46 18.02 16.50
CA SER A 286 5.26 16.65 16.99
C SER A 286 3.80 16.39 17.21
N TYR A 287 3.38 15.14 16.89
CA TYR A 287 1.97 14.77 16.98
C TYR A 287 1.88 13.38 17.65
N VAL A 288 1.16 13.36 18.76
CA VAL A 288 1.15 12.21 19.69
C VAL A 288 2.45 11.45 19.76
N GLY A 289 3.52 12.20 19.97
CA GLY A 289 4.86 11.65 20.21
C GLY A 289 5.76 11.45 19.00
N ARG A 290 5.20 11.60 17.80
CA ARG A 290 6.00 11.44 16.60
C ARG A 290 6.44 12.82 16.04
N THR A 291 7.72 13.01 15.88
CA THR A 291 8.25 14.27 15.34
C THR A 291 8.39 14.16 13.81
N THR A 292 7.89 15.18 13.11
CA THR A 292 8.10 15.35 11.67
C THR A 292 8.64 16.78 11.37
N CYS A 293 9.26 16.91 10.20
CA CYS A 293 10.02 18.12 9.95
C CYS A 293 9.76 18.65 8.54
N ASP A 294 8.52 18.56 8.08
CA ASP A 294 8.13 18.97 6.71
C ASP A 294 8.39 20.47 6.42
N ASP A 295 8.30 21.29 7.45
CA ASP A 295 8.45 22.74 7.29
C ASP A 295 9.83 23.26 7.69
N VAL A 296 10.80 22.38 7.93
CA VAL A 296 12.17 22.84 8.15
C VAL A 296 12.71 23.34 6.79
N PRO A 297 13.13 24.63 6.72
CA PRO A 297 13.58 25.10 5.40
C PRO A 297 14.77 24.28 4.82
N GLY A 298 14.66 23.94 3.55
CA GLY A 298 15.72 23.20 2.89
C GLY A 298 15.49 21.69 2.93
N LEU A 299 14.77 21.19 3.94
CA LEU A 299 14.76 19.73 4.17
C LEU A 299 13.93 18.98 3.13
N SER A 300 12.72 19.44 2.82
CA SER A 300 11.90 18.82 1.78
C SER A 300 12.57 18.77 0.41
N ASP A 301 13.27 19.84 0.05
CA ASP A 301 14.00 19.85 -1.23
C ASP A 301 15.07 18.75 -1.24
N PHE A 302 15.79 18.63 -0.15
CA PHE A 302 16.80 17.59 0.01
C PHE A 302 16.19 16.20 -0.02
N SER A 303 15.12 16.02 0.73
CA SER A 303 14.47 14.72 0.78
C SER A 303 13.91 14.31 -0.61
N LYS A 304 13.36 15.27 -1.34
CA LYS A 304 12.86 15.02 -2.68
C LYS A 304 13.99 14.61 -3.64
N ARG A 305 15.18 15.20 -3.49
CA ARG A 305 16.30 14.78 -4.34
C ARG A 305 16.69 13.32 -4.00
N VAL A 306 16.66 12.97 -2.72
CA VAL A 306 16.97 11.62 -2.36
C VAL A 306 15.90 10.66 -2.89
N ASP A 307 14.64 11.08 -2.85
CA ASP A 307 13.53 10.34 -3.48
C ASP A 307 13.75 10.05 -4.94
N VAL A 308 14.33 10.99 -5.69
CA VAL A 308 14.66 10.73 -7.10
C VAL A 308 15.52 9.52 -7.23
N LEU A 309 16.59 9.46 -6.45
CA LEU A 309 17.47 8.31 -6.52
C LEU A 309 16.76 7.03 -6.11
N LYS A 310 15.97 7.10 -5.03
CA LYS A 310 15.24 5.93 -4.61
C LYS A 310 14.30 5.42 -5.68
N GLY A 311 13.51 6.32 -6.28
CA GLY A 311 12.60 5.99 -7.37
C GLY A 311 13.34 5.39 -8.55
N ALA A 312 14.53 5.89 -8.87
CA ALA A 312 15.27 5.40 -10.04
C ALA A 312 15.74 3.97 -9.81
N LEU A 313 16.30 3.71 -8.64
CA LEU A 313 16.66 2.34 -8.29
C LEU A 313 15.47 1.43 -8.09
N ASP A 314 14.43 1.91 -7.45
CA ASP A 314 13.31 1.03 -7.17
C ASP A 314 12.54 0.64 -8.41
N ALA A 315 12.67 1.41 -9.50
CA ALA A 315 12.03 1.03 -10.77
C ALA A 315 12.60 -0.29 -11.22
N TYR A 316 13.91 -0.50 -11.03
CA TYR A 316 14.57 -1.81 -11.32
C TYR A 316 14.16 -2.92 -10.35
N ASN A 317 14.18 -2.63 -9.06
CA ASN A 317 13.63 -3.57 -8.05
C ASN A 317 12.26 -4.09 -8.42
N GLN A 318 11.36 -3.16 -8.71
CA GLN A 318 9.97 -3.53 -8.99
C GLN A 318 9.76 -4.44 -10.19
N LYS A 319 10.57 -4.26 -11.22
CA LYS A 319 10.48 -5.11 -12.41
C LYS A 319 11.37 -6.33 -12.33
N ALA A 320 11.90 -6.61 -11.13
CA ALA A 320 12.80 -7.75 -10.91
C ALA A 320 14.02 -7.68 -11.82
N GLN A 321 14.58 -6.49 -12.02
CA GLN A 321 15.80 -6.34 -12.83
C GLN A 321 17.05 -6.21 -11.94
N ASN A 322 18.07 -6.99 -12.27
CA ASN A 322 19.37 -6.97 -11.60
C ASN A 322 20.27 -5.98 -12.34
N LEU A 323 20.55 -4.84 -11.73
CA LEU A 323 21.38 -3.84 -12.38
C LEU A 323 22.71 -4.38 -12.77
N PHE A 324 23.25 -5.34 -11.99
CA PHE A 324 24.56 -5.89 -12.31
C PHE A 324 24.54 -6.88 -13.44
N ALA A 325 23.37 -7.18 -13.99
CA ALA A 325 23.31 -8.03 -15.19
C ALA A 325 22.78 -7.28 -16.39
N LEU A 326 22.80 -5.95 -16.31
CA LEU A 326 22.34 -5.11 -17.40
C LEU A 326 23.49 -4.22 -17.82
N PRO A 327 23.83 -4.27 -19.11
CA PRO A 327 25.02 -3.57 -19.59
C PRO A 327 24.87 -2.04 -19.49
N GLY A 328 25.96 -1.37 -19.14
CA GLY A 328 26.00 0.08 -19.18
C GLY A 328 25.14 0.74 -18.12
N THR A 329 25.23 0.21 -16.89
CA THR A 329 24.47 0.71 -15.76
C THR A 329 25.44 1.21 -14.69
N THR A 330 26.59 1.72 -15.13
CA THR A 330 27.65 2.02 -14.21
C THR A 330 27.30 3.03 -13.14
N SER A 331 26.60 4.11 -13.49
CA SER A 331 26.27 5.13 -12.48
C SER A 331 25.43 4.51 -11.35
N LEU A 332 24.42 3.80 -11.77
CA LEU A 332 23.50 3.16 -10.84
C LEU A 332 24.17 2.09 -10.00
N ARG A 333 25.02 1.28 -10.63
CA ARG A 333 25.83 0.33 -9.88
C ARG A 333 26.63 1.04 -8.79
N LEU A 334 27.23 2.18 -9.10
CA LEU A 334 28.08 2.87 -8.16
C LEU A 334 27.30 3.46 -7.00
N TRP A 335 26.09 3.96 -7.27
CA TRP A 335 25.22 4.40 -6.20
C TRP A 335 24.88 3.28 -5.26
N LEU A 336 24.60 2.11 -5.83
CA LEU A 336 24.17 0.97 -5.04
C LEU A 336 25.33 0.48 -4.14
N LEU A 337 26.53 0.36 -4.73
CA LEU A 337 27.69 -0.07 -3.96
C LEU A 337 28.10 0.97 -2.94
N TRP A 338 27.97 2.26 -3.27
CA TRP A 338 28.25 3.28 -2.30
C TRP A 338 27.38 3.10 -1.06
N ALA A 339 26.09 2.90 -1.30
CA ALA A 339 25.14 2.79 -0.20
C ALA A 339 25.42 1.48 0.58
N ASP A 340 25.75 0.39 -0.09
CA ASP A 340 26.12 -0.86 0.64
C ASP A 340 27.33 -0.59 1.55
N ALA A 341 28.28 0.18 1.05
CA ALA A 341 29.48 0.54 1.82
C ALA A 341 29.14 1.41 3.05
N VAL A 342 28.26 2.39 2.87
CA VAL A 342 27.78 3.15 4.02
C VAL A 342 27.21 2.18 5.06
N ARG A 343 26.51 1.17 4.59
CA ARG A 343 25.82 0.28 5.52
C ARG A 343 26.80 -0.54 6.41
N GLN A 344 28.04 -0.75 5.97
CA GLN A 344 29.08 -1.35 6.85
C GLN A 344 29.43 -0.44 8.02
N ASN A 345 29.19 0.84 7.85
CA ASN A 345 29.64 1.86 8.77
C ASN A 345 28.56 2.44 9.66
N ILE A 346 27.29 2.25 9.30
CA ILE A 346 26.20 2.81 10.10
C ILE A 346 26.28 2.34 11.55
N ARG A 347 26.06 3.27 12.46
CA ARG A 347 26.02 2.96 13.84
C ARG A 347 24.87 3.71 14.40
N TYR A 348 24.17 3.10 15.37
CA TYR A 348 22.96 3.64 15.93
C TYR A 348 23.08 3.77 17.44
N PRO A 349 22.30 4.63 18.06
CA PRO A 349 21.35 5.51 17.44
C PRO A 349 21.98 6.82 16.94
N MET A 350 21.36 7.47 15.97
CA MET A 350 21.79 8.81 15.53
C MET A 350 20.74 9.84 15.85
N ASP A 351 21.15 11.11 15.91
CA ASP A 351 20.27 12.22 16.21
C ASP A 351 20.48 13.34 15.22
N LYS A 352 19.38 14.00 14.86
CA LYS A 352 19.40 14.94 13.77
C LYS A 352 20.27 16.19 14.01
N ALA A 353 20.52 16.51 15.29
CA ALA A 353 21.35 17.68 15.67
C ALA A 353 22.71 17.23 16.14
N ALA A 354 22.76 16.14 16.88
CA ALA A 354 24.02 15.74 17.44
C ALA A 354 24.92 15.10 16.42
N ASP A 355 24.35 14.51 15.38
CA ASP A 355 25.17 13.73 14.44
C ASP A 355 24.86 14.06 13.00
N THR A 356 24.90 15.34 12.67
CA THR A 356 24.41 15.82 11.38
C THR A 356 25.04 15.07 10.20
N ALA A 357 26.33 14.78 10.27
CA ALA A 357 27.02 14.17 9.13
C ALA A 357 26.58 12.70 8.94
N ARG A 358 26.70 11.91 9.99
CA ARG A 358 26.30 10.50 9.90
C ARG A 358 24.80 10.39 9.61
N PHE A 359 23.99 11.24 10.24
CA PHE A 359 22.54 11.22 10.05
C PHE A 359 22.19 11.48 8.57
N GLN A 360 22.70 12.56 8.00
CA GLN A 360 22.34 12.88 6.65
C GLN A 360 22.88 11.89 5.64
N GLU A 361 24.06 11.36 5.85
CA GLU A 361 24.59 10.44 4.86
C GLU A 361 23.81 9.12 4.90
N THR A 362 23.41 8.71 6.10
CA THR A 362 22.60 7.52 6.25
C THR A 362 21.24 7.71 5.61
N PHE A 363 20.65 8.89 5.79
CA PHE A 363 19.38 9.26 5.20
C PHE A 363 19.41 8.96 3.70
N VAL A 364 20.57 9.23 3.07
CA VAL A 364 20.70 8.96 1.64
C VAL A 364 20.84 7.49 1.32
N ALA A 365 21.81 6.86 1.93
CA ALA A 365 22.10 5.41 1.74
C ALA A 365 20.91 4.50 1.97
N ASP A 366 20.12 4.81 2.98
CA ASP A 366 18.92 4.03 3.32
C ASP A 366 17.94 4.06 2.13
N ALA A 367 17.98 5.14 1.35
CA ALA A 367 17.06 5.31 0.21
C ALA A 367 17.49 4.49 -0.99
N ILE A 368 18.66 3.89 -0.93
CA ILE A 368 19.24 3.27 -2.11
C ILE A 368 19.57 1.83 -1.77
N VAL A 369 18.67 0.93 -2.12
CA VAL A 369 18.82 -0.49 -1.84
C VAL A 369 18.43 -1.29 -3.05
N GLY A 370 19.40 -2.06 -3.53
CA GLY A 370 19.18 -2.94 -4.65
C GLY A 370 18.93 -4.36 -4.17
N TYR A 371 17.73 -4.86 -4.40
CA TYR A 371 17.35 -6.16 -3.89
C TYR A 371 17.59 -7.28 -4.88
N VAL A 372 17.61 -6.99 -6.17
CA VAL A 372 17.60 -8.06 -7.16
C VAL A 372 19.03 -8.27 -7.62
N ARG A 373 19.65 -9.31 -7.09
CA ARG A 373 21.08 -9.57 -7.34
C ARG A 373 21.46 -10.94 -6.84
N GLU A 374 22.63 -11.40 -7.27
CA GLU A 374 23.11 -12.72 -6.90
C GLU A 374 23.99 -12.70 -5.67
N ALA A 375 24.44 -11.53 -5.23
CA ALA A 375 25.21 -11.43 -4.01
C ALA A 375 25.16 -9.98 -3.57
N GLY A 376 25.47 -9.70 -2.31
CA GLY A 376 25.37 -8.37 -1.80
C GLY A 376 25.92 -8.41 -0.42
N ALA A 377 25.63 -7.39 0.40
CA ALA A 377 26.18 -7.33 1.73
C ALA A 377 25.07 -7.12 2.75
N ALA A 378 25.21 -7.75 3.92
CA ALA A 378 24.42 -7.40 5.09
C ALA A 378 24.81 -6.05 5.70
N GLN A 379 23.82 -5.31 6.19
CA GLN A 379 24.12 -4.16 6.98
C GLN A 379 24.63 -4.66 8.31
N LYS A 380 25.70 -4.03 8.80
CA LYS A 380 26.40 -4.53 9.98
C LYS A 380 25.53 -4.42 11.25
N GLU A 381 24.94 -3.26 11.47
CA GLU A 381 24.09 -3.01 12.64
C GLU A 381 22.59 -2.84 12.26
N LEU A 382 21.70 -3.63 12.86
CA LEU A 382 20.27 -3.56 12.51
C LEU A 382 19.50 -2.86 13.61
N GLY A 383 20.22 -2.38 14.63
CA GLY A 383 19.68 -1.41 15.58
C GLY A 383 18.37 -1.87 16.18
N SER A 384 17.37 -0.97 16.22
CA SER A 384 16.05 -1.31 16.80
C SER A 384 15.17 -2.26 15.96
N TYR A 385 15.67 -2.71 14.82
CA TYR A 385 14.89 -3.57 13.94
C TYR A 385 15.19 -5.02 14.28
N ALA A 386 16.46 -5.34 14.42
CA ALA A 386 16.87 -6.73 14.69
C ALA A 386 18.34 -6.73 15.12
N GLY A 387 18.89 -7.91 15.30
CA GLY A 387 20.25 -8.02 15.88
C GLY A 387 20.96 -9.27 15.48
N GLN A 388 21.77 -9.78 16.40
CA GLN A 388 22.61 -10.91 16.16
C GLN A 388 21.84 -12.16 15.72
N ARG A 389 20.61 -12.37 16.21
CA ARG A 389 19.87 -13.56 15.78
C ARG A 389 19.50 -13.50 14.33
N GLN A 390 18.94 -12.36 13.92
CA GLN A 390 18.59 -12.24 12.50
C GLN A 390 19.81 -12.45 11.61
N GLN A 391 20.93 -11.89 12.07
CA GLN A 391 22.19 -11.92 11.31
C GLN A 391 22.70 -13.34 11.10
N SER A 392 22.41 -14.25 12.04
CA SER A 392 22.96 -15.62 12.06
C SER A 392 21.98 -16.71 11.65
N MET A 393 20.77 -16.36 11.24
CA MET A 393 19.78 -17.39 10.95
C MET A 393 20.28 -18.33 9.86
N PRO A 394 20.13 -19.63 10.08
CA PRO A 394 20.55 -20.52 9.00
C PRO A 394 19.60 -20.51 7.82
N VAL A 395 20.09 -20.89 6.66
CA VAL A 395 19.22 -20.93 5.51
C VAL A 395 19.24 -22.30 4.89
N SER A 396 18.19 -22.62 4.15
CA SER A 396 18.05 -23.91 3.49
C SER A 396 18.79 -23.96 2.13
N GLY A 397 19.65 -24.97 1.98
CA GLY A 397 20.39 -25.19 0.74
C GLY A 397 19.47 -25.73 -0.33
N SER A 398 18.41 -26.38 0.09
CA SER A 398 17.51 -26.99 -0.84
C SER A 398 16.24 -26.17 -1.01
N GLU A 399 15.51 -26.52 -2.05
CA GLU A 399 14.36 -25.79 -2.46
C GLU A 399 13.17 -26.25 -1.62
N GLU A 400 12.47 -25.31 -1.00
CA GLU A 400 11.27 -25.65 -0.24
C GLU A 400 10.05 -25.23 -1.02
N THR A 401 8.98 -25.99 -0.87
CA THR A 401 7.77 -25.79 -1.64
C THR A 401 6.66 -25.47 -0.67
N LEU A 402 5.93 -24.41 -0.94
CA LEU A 402 4.92 -23.93 0.00
C LEU A 402 3.65 -23.69 -0.76
N THR A 403 2.53 -24.05 -0.17
CA THR A 403 1.25 -23.81 -0.81
C THR A 403 0.51 -22.73 -0.04
N LEU A 404 0.22 -21.60 -0.68
CA LEU A 404 -0.49 -20.50 0.01
C LEU A 404 -1.90 -20.28 -0.52
N THR A 405 -2.83 -19.96 0.38
CA THR A 405 -4.21 -19.67 0.03
C THR A 405 -4.41 -18.16 0.04
N LEU A 406 -5.07 -17.62 -1.00
CA LEU A 406 -5.42 -16.20 -1.06
C LEU A 406 -6.87 -15.97 -0.63
N PRO A 407 -7.08 -15.30 0.50
CA PRO A 407 -8.44 -15.17 1.07
C PRO A 407 -9.35 -14.16 0.36
N SER A 408 -8.77 -13.30 -0.48
CA SER A 408 -9.55 -12.33 -1.23
C SER A 408 -8.82 -12.03 -2.53
N ALA A 409 -9.37 -11.13 -3.34
CA ALA A 409 -8.81 -10.80 -4.67
C ALA A 409 -7.50 -10.02 -4.65
N GLN A 410 -7.29 -9.24 -3.59
CA GLN A 410 -6.19 -8.27 -3.57
C GLN A 410 -5.63 -8.22 -2.11
N GLY A 411 -4.30 -8.18 -1.97
CA GLY A 411 -3.65 -8.00 -0.67
C GLY A 411 -2.26 -8.62 -0.67
N PHE A 412 -1.81 -9.03 0.50
CA PHE A 412 -0.54 -9.74 0.66
C PHE A 412 -0.64 -10.73 1.80
N THR A 413 0.15 -11.78 1.75
CA THR A 413 0.11 -12.84 2.77
C THR A 413 1.52 -13.36 3.08
N ALA A 414 1.76 -13.68 4.34
CA ALA A 414 3.07 -14.16 4.73
C ALA A 414 3.40 -15.49 4.04
N ILE A 415 4.59 -15.55 3.48
CA ILE A 415 5.02 -16.76 2.80
C ILE A 415 5.42 -17.77 3.86
N GLY A 416 6.00 -17.31 4.96
CA GLY A 416 6.39 -18.15 6.08
C GLY A 416 7.89 -18.47 6.08
N ARG A 417 8.67 -17.72 5.31
CA ARG A 417 10.13 -17.83 5.33
C ARG A 417 10.72 -16.40 5.37
N MET A 418 12.00 -16.28 5.71
CA MET A 418 12.71 -14.98 5.61
C MET A 418 13.88 -14.97 4.65
N ALA A 419 14.19 -13.78 4.14
CA ALA A 419 15.53 -13.54 3.62
C ALA A 419 16.42 -13.34 4.83
N ALA A 420 17.63 -13.93 4.81
CA ALA A 420 18.66 -13.67 5.81
C ALA A 420 19.55 -12.50 5.32
N PRO A 421 20.05 -11.66 6.24
CA PRO A 421 20.81 -10.50 5.80
C PRO A 421 22.03 -10.89 4.95
N GLY A 422 22.18 -10.27 3.79
CA GLY A 422 23.30 -10.58 2.90
C GLY A 422 23.33 -11.96 2.25
N LYS A 423 22.24 -12.70 2.32
CA LYS A 423 22.26 -14.06 1.78
C LYS A 423 21.34 -14.27 0.63
N ARG A 424 21.86 -14.77 -0.49
CA ARG A 424 21.04 -14.99 -1.68
C ARG A 424 19.89 -15.95 -1.47
N LEU A 425 18.73 -15.51 -1.91
CA LEU A 425 17.52 -16.23 -1.85
C LEU A 425 17.04 -16.33 -3.27
N SER A 426 16.52 -17.48 -3.66
CA SER A 426 15.90 -17.61 -4.92
C SER A 426 14.46 -17.98 -4.78
N ILE A 427 13.59 -17.35 -5.58
CA ILE A 427 12.18 -17.61 -5.42
C ILE A 427 11.43 -17.65 -6.73
N ARG A 428 10.41 -18.49 -6.78
CA ARG A 428 9.46 -18.40 -7.87
C ARG A 428 8.08 -18.91 -7.53
N ILE A 429 7.09 -18.55 -8.36
CA ILE A 429 5.73 -18.94 -8.16
C ILE A 429 5.20 -19.78 -9.32
N GLU A 430 4.41 -20.79 -8.97
CA GLU A 430 3.71 -21.66 -9.94
C GLU A 430 2.23 -21.79 -9.57
N ASP A 431 1.44 -22.28 -10.52
CA ASP A 431 0.03 -22.55 -10.30
C ASP A 431 -0.68 -21.33 -9.74
N ALA A 432 -0.53 -20.19 -10.43
CA ALA A 432 -1.10 -18.91 -10.05
C ALA A 432 -2.50 -18.63 -10.60
N GLY A 433 -3.02 -19.44 -11.53
CA GLY A 433 -4.28 -19.13 -12.17
C GLY A 433 -4.19 -17.78 -12.84
N GLN A 434 -5.18 -16.92 -12.64
CA GLN A 434 -5.12 -15.59 -13.20
C GLN A 434 -4.59 -14.53 -12.23
N ALA A 435 -4.07 -14.93 -11.07
CA ALA A 435 -3.60 -13.94 -10.06
C ALA A 435 -2.34 -13.25 -10.49
N SER A 436 -2.26 -11.94 -10.31
CA SER A 436 -1.03 -11.20 -10.55
C SER A 436 -0.19 -11.08 -9.24
N LEU A 437 1.09 -11.48 -9.31
CA LEU A 437 1.93 -11.64 -8.10
C LEU A 437 3.24 -10.84 -8.05
N ALA A 438 3.63 -10.51 -6.83
CA ALA A 438 4.92 -10.00 -6.51
C ALA A 438 5.40 -10.54 -5.14
N VAL A 439 6.70 -10.46 -4.91
CA VAL A 439 7.29 -10.72 -3.61
C VAL A 439 7.71 -9.45 -2.94
N GLY A 440 7.52 -9.38 -1.63
CA GLY A 440 8.00 -8.26 -0.89
C GLY A 440 8.66 -8.68 0.40
N LEU A 441 9.45 -7.79 0.97
CA LEU A 441 10.08 -8.06 2.25
C LEU A 441 9.60 -7.05 3.29
N ASN A 442 9.18 -7.60 4.42
CA ASN A 442 8.84 -6.85 5.61
C ASN A 442 7.51 -6.11 5.45
N THR A 443 7.03 -5.56 6.55
CA THR A 443 5.69 -4.94 6.59
C THR A 443 5.66 -3.59 7.28
N GLN A 444 6.82 -3.10 7.75
CA GLN A 444 6.89 -1.81 8.44
C GLN A 444 6.32 -0.67 7.61
N ARG A 445 5.54 0.17 8.27
CA ARG A 445 5.09 1.43 7.66
C ARG A 445 6.15 2.49 7.90
N ILE A 446 6.27 3.46 7.02
CA ILE A 446 7.47 4.30 7.09
C ILE A 446 7.58 5.23 8.32
N GLY A 447 6.44 5.57 8.95
CA GLY A 447 6.46 6.33 10.16
C GLY A 447 7.08 5.63 11.37
N SER A 448 7.28 4.31 11.28
CA SER A 448 7.86 3.54 12.37
C SER A 448 9.37 3.62 12.39
N THR A 449 9.96 4.39 11.47
CA THR A 449 11.34 4.84 11.66
C THR A 449 11.34 6.30 12.14
N ARG A 450 11.56 6.50 13.43
CA ARG A 450 11.32 7.77 14.07
C ARG A 450 12.53 8.70 14.01
N LEU A 451 13.08 8.83 12.82
CA LEU A 451 14.37 9.49 12.65
C LEU A 451 14.40 10.94 13.06
N TRP A 452 13.27 11.62 13.04
CA TRP A 452 13.23 13.02 13.46
C TRP A 452 13.04 13.18 14.98
N ASN A 453 12.73 12.08 15.70
CA ASN A 453 12.69 12.14 17.14
C ASN A 453 14.13 12.15 17.68
N THR A 454 14.30 12.86 18.79
CA THR A 454 15.59 12.93 19.46
C THR A 454 16.20 11.57 19.63
N ARG A 455 17.37 11.37 19.01
CA ARG A 455 18.15 10.15 19.18
C ARG A 455 17.42 8.85 18.79
N GLN A 456 16.46 8.94 17.86
CA GLN A 456 15.73 7.74 17.43
C GLN A 456 15.92 7.39 15.96
N TYR A 457 16.92 7.96 15.34
CA TYR A 457 17.32 7.41 14.06
C TYR A 457 18.09 6.15 14.36
N ASP A 458 17.39 5.02 14.55
CA ASP A 458 18.03 3.81 15.06
C ASP A 458 17.68 2.56 14.30
N ARG A 459 17.13 2.75 13.10
CA ARG A 459 16.86 1.67 12.17
C ARG A 459 16.79 2.27 10.77
N PRO A 460 16.80 1.43 9.74
CA PRO A 460 16.62 1.92 8.38
C PRO A 460 15.27 2.56 8.11
N ARG A 461 15.26 3.58 7.25
CA ARG A 461 14.03 4.26 6.89
C ARG A 461 13.05 3.33 6.18
N PHE A 462 13.57 2.42 5.37
CA PHE A 462 12.76 1.64 4.46
C PHE A 462 12.92 0.12 4.62
N LEU A 463 12.43 -0.39 5.75
CA LEU A 463 12.55 -1.79 6.05
C LEU A 463 11.67 -2.61 5.14
N LYS A 464 10.53 -2.04 4.69
CA LYS A 464 9.69 -2.71 3.72
C LYS A 464 10.28 -2.43 2.34
N SER A 465 10.53 -3.49 1.60
CA SER A 465 11.06 -3.35 0.23
C SER A 465 10.00 -2.90 -0.73
N PRO A 466 10.41 -2.45 -1.95
CA PRO A 466 9.42 -2.40 -3.02
C PRO A 466 8.84 -3.77 -3.29
N ASP A 467 7.65 -3.79 -3.89
CA ASP A 467 7.05 -5.01 -4.38
C ASP A 467 7.79 -5.39 -5.66
N ILE A 468 8.30 -6.61 -5.70
CA ILE A 468 9.12 -7.09 -6.81
C ILE A 468 8.31 -8.02 -7.69
N LYS A 469 7.97 -7.61 -8.90
CA LYS A 469 7.02 -8.38 -9.72
C LYS A 469 7.59 -9.72 -10.06
N LEU A 470 6.75 -10.75 -10.02
CA LEU A 470 7.10 -12.11 -10.40
C LEU A 470 6.29 -12.55 -11.61
N GLN A 471 6.89 -13.40 -12.44
CA GLN A 471 6.21 -14.06 -13.56
C GLN A 471 6.10 -15.54 -13.27
N ALA A 472 4.97 -16.10 -13.69
CA ALA A 472 4.76 -17.53 -13.64
C ALA A 472 6.02 -18.26 -14.08
N ASN A 473 6.51 -19.10 -13.19
CA ASN A 473 7.60 -20.02 -13.47
C ASN A 473 8.97 -19.39 -13.74
N GLN A 474 9.16 -18.12 -13.41
CA GLN A 474 10.50 -17.51 -13.56
C GLN A 474 11.11 -17.18 -12.22
N SER A 475 12.33 -17.66 -12.00
CA SER A 475 13.05 -17.44 -10.75
C SER A 475 13.56 -16.03 -10.63
N VAL A 476 13.58 -15.53 -9.41
CA VAL A 476 14.20 -14.24 -9.13
C VAL A 476 15.13 -14.42 -7.97
N ALA A 477 16.34 -13.87 -8.05
CA ALA A 477 17.28 -13.93 -6.95
C ALA A 477 17.37 -12.61 -6.25
N LEU A 478 17.22 -12.67 -4.94
CA LEU A 478 17.30 -11.49 -4.05
C LEU A 478 18.40 -11.57 -3.03
N VAL A 479 18.97 -10.41 -2.69
CA VAL A 479 19.72 -10.24 -1.47
C VAL A 479 19.27 -8.96 -0.77
N SER A 480 18.87 -9.09 0.48
CA SER A 480 18.57 -7.95 1.32
C SER A 480 19.65 -7.61 2.33
N PRO A 481 19.93 -6.32 2.57
CA PRO A 481 20.88 -6.01 3.62
C PRO A 481 20.33 -6.21 5.02
N TYR A 482 19.03 -6.31 5.18
CA TYR A 482 18.43 -6.34 6.46
C TYR A 482 17.95 -7.68 6.91
N GLY A 483 17.73 -8.56 5.96
CA GLY A 483 16.83 -9.71 6.10
C GLY A 483 15.38 -9.25 6.12
N GLY A 484 14.45 -10.18 6.07
CA GLY A 484 13.04 -9.85 6.14
C GLY A 484 12.06 -10.98 5.95
N LEU A 485 10.85 -10.74 6.50
CA LEU A 485 9.71 -11.58 6.37
C LEU A 485 9.19 -11.50 4.94
N LEU A 486 9.21 -12.63 4.22
CA LEU A 486 8.82 -12.68 2.85
C LEU A 486 7.28 -12.63 2.77
N GLN A 487 6.79 -11.76 1.90
CA GLN A 487 5.32 -11.61 1.70
C GLN A 487 5.03 -11.91 0.26
N LEU A 488 3.92 -12.59 0.01
CA LEU A 488 3.42 -12.74 -1.32
C LEU A 488 2.35 -11.70 -1.56
N VAL A 489 2.62 -10.80 -2.51
CA VAL A 489 1.70 -9.69 -2.80
C VAL A 489 0.87 -10.07 -4.03
N TYR A 490 -0.45 -9.91 -3.96
CA TYR A 490 -1.35 -10.42 -5.01
C TYR A 490 -2.47 -9.44 -5.39
N SER A 491 -2.89 -9.50 -6.67
CA SER A 491 -4.12 -8.85 -7.12
C SER A 491 -4.77 -9.69 -8.21
N GLY A 492 -6.04 -9.40 -8.48
CA GLY A 492 -6.83 -10.14 -9.49
C GLY A 492 -6.95 -11.62 -9.18
N ALA A 493 -6.88 -11.96 -7.90
CA ALA A 493 -6.97 -13.35 -7.45
C ALA A 493 -8.41 -13.78 -7.28
N THR A 494 -8.62 -15.09 -7.25
CA THR A 494 -9.90 -15.67 -6.89
C THR A 494 -9.91 -16.10 -5.44
N PRO A 495 -10.81 -15.51 -4.62
CA PRO A 495 -10.83 -15.84 -3.21
C PRO A 495 -10.89 -17.35 -2.99
N GLY A 496 -9.97 -17.86 -2.18
CA GLY A 496 -9.87 -19.27 -1.91
C GLY A 496 -8.86 -20.01 -2.80
N GLN A 497 -8.36 -19.41 -3.86
CA GLN A 497 -7.32 -20.07 -4.68
C GLN A 497 -6.03 -20.33 -3.96
N THR A 498 -5.16 -21.12 -4.56
CA THR A 498 -3.86 -21.34 -4.00
C THR A 498 -2.80 -20.92 -4.99
N VAL A 499 -1.61 -20.75 -4.47
CA VAL A 499 -0.42 -20.44 -5.25
C VAL A 499 0.65 -21.31 -4.65
N THR A 500 1.56 -21.78 -5.49
CA THR A 500 2.74 -22.57 -5.06
C THR A 500 3.95 -21.65 -5.04
N VAL A 501 4.66 -21.62 -3.92
CA VAL A 501 5.85 -20.79 -3.85
C VAL A 501 7.04 -21.73 -3.66
N LYS A 502 8.05 -21.63 -4.55
CA LYS A 502 9.25 -22.41 -4.43
C LYS A 502 10.35 -21.47 -4.00
N VAL A 503 11.02 -21.78 -2.92
CA VAL A 503 12.09 -20.92 -2.44
C VAL A 503 13.34 -21.66 -1.99
N THR A 504 14.50 -21.18 -2.44
CA THR A 504 15.80 -21.67 -2.00
C THR A 504 16.63 -20.60 -1.34
N GLY A 505 17.33 -20.96 -0.27
CA GLY A 505 18.22 -20.02 0.40
C GLY A 505 17.55 -19.17 1.47
N ALA A 506 16.34 -19.54 1.83
CA ALA A 506 15.56 -18.81 2.85
C ALA A 506 15.74 -19.39 4.22
N ALA A 507 15.60 -18.52 5.22
CA ALA A 507 15.56 -18.90 6.61
C ALA A 507 14.10 -19.07 7.07
N SER A 508 13.94 -19.66 8.26
CA SER A 508 12.63 -20.10 8.76
C SER A 508 12.40 -19.49 10.11
N GLN A 509 11.69 -18.38 10.11
CA GLN A 509 11.34 -17.71 11.37
C GLN A 509 10.34 -18.62 12.06
N PRO A 510 10.19 -18.49 13.36
CA PRO A 510 9.06 -19.08 14.03
C PRO A 510 7.77 -18.63 13.34
N PHE A 511 7.00 -19.59 12.86
CA PHE A 511 5.86 -19.28 12.07
C PHE A 511 4.73 -20.19 12.52
N LEU A 512 3.64 -19.61 13.01
CA LEU A 512 2.48 -20.41 13.37
C LEU A 512 1.42 -20.24 12.34
N ASP A 513 1.11 -21.33 11.67
CA ASP A 513 0.20 -21.31 10.58
C ASP A 513 -0.96 -22.18 10.96
N ILE A 514 -2.06 -21.57 11.40
CA ILE A 514 -3.20 -22.34 11.81
C ILE A 514 -3.86 -22.79 10.50
N GLN A 515 -4.18 -24.07 10.40
CA GLN A 515 -4.80 -24.61 9.19
C GLN A 515 -6.32 -24.60 9.39
N PRO A 516 -7.06 -23.80 8.58
CA PRO A 516 -8.49 -23.56 8.85
C PRO A 516 -9.28 -24.84 9.11
N GLY A 517 -10.00 -24.87 10.24
CA GLY A 517 -10.83 -25.99 10.62
C GLY A 517 -10.15 -27.32 10.91
N GLU A 518 -8.81 -27.37 10.92
CA GLU A 518 -8.05 -28.59 11.22
C GLU A 518 -7.42 -28.52 12.59
N ASP A 519 -6.96 -29.66 13.09
CA ASP A 519 -6.35 -29.71 14.39
C ASP A 519 -4.99 -29.03 14.30
N SER A 520 -4.63 -28.29 15.34
CA SER A 520 -3.47 -27.42 15.26
C SER A 520 -2.41 -27.75 16.33
N SER A 521 -2.59 -28.81 17.11
CA SER A 521 -1.81 -28.95 18.32
C SER A 521 -0.35 -29.27 17.98
N GLN A 522 -0.11 -29.92 16.83
CA GLN A 522 1.28 -30.16 16.39
C GLN A 522 1.95 -28.88 15.93
N ALA A 523 1.25 -28.11 15.09
CA ALA A 523 1.74 -26.78 14.64
C ALA A 523 2.10 -25.86 15.80
N ILE A 524 1.33 -25.91 16.86
CA ILE A 524 1.60 -25.07 18.03
C ILE A 524 2.85 -25.56 18.74
N ALA A 525 2.94 -26.86 18.93
CA ALA A 525 4.12 -27.42 19.57
C ALA A 525 5.38 -27.07 18.76
N ASP A 526 5.31 -27.15 17.44
CA ASP A 526 6.46 -26.83 16.59
C ASP A 526 6.82 -25.35 16.72
N PHE A 527 5.82 -24.51 16.80
CA PHE A 527 6.04 -23.06 16.97
C PHE A 527 6.67 -22.78 18.31
N ILE A 528 6.16 -23.41 19.37
CA ILE A 528 6.72 -23.23 20.70
C ILE A 528 8.18 -23.69 20.78
N GLN A 529 8.48 -24.83 20.19
CA GLN A 529 9.85 -25.31 20.08
C GLN A 529 10.69 -24.31 19.30
N ALA A 530 10.18 -23.73 18.21
CA ALA A 530 11.00 -22.76 17.47
C ALA A 530 11.29 -21.51 18.29
N LEU A 531 10.30 -21.05 19.04
CA LEU A 531 10.51 -19.93 19.96
C LEU A 531 11.53 -20.23 21.03
N ASP A 532 11.46 -21.45 21.56
N ASP A 532 11.47 -21.45 21.55
CA ASP A 532 12.37 -21.91 22.62
CA ASP A 532 12.35 -21.86 22.62
C ASP A 532 13.81 -21.82 22.16
C ASP A 532 13.81 -21.85 22.17
N ALA A 533 14.08 -22.22 20.93
CA ALA A 533 15.45 -22.16 20.40
C ALA A 533 15.95 -20.73 20.34
N ASP A 534 15.04 -19.75 20.19
CA ASP A 534 15.43 -18.34 20.31
C ASP A 534 16.49 -17.94 19.25
N LYS A 535 16.27 -18.37 18.03
CA LYS A 535 17.19 -18.05 16.95
C LYS A 535 16.68 -16.95 16.00
N ALA A 536 15.61 -16.25 16.39
CA ALA A 536 15.05 -15.19 15.53
C ALA A 536 14.63 -13.95 16.28
N ASP A 537 14.69 -12.82 15.58
CA ASP A 537 14.20 -11.58 16.15
C ASP A 537 12.70 -11.27 15.78
N TRP A 538 12.22 -11.94 14.75
CA TRP A 538 10.86 -11.76 14.19
C TRP A 538 10.16 -13.09 14.13
N LEU A 539 8.84 -13.06 14.31
CA LEU A 539 7.99 -14.17 14.11
C LEU A 539 6.71 -13.73 13.36
N GLU A 540 5.98 -14.70 12.84
CA GLU A 540 4.67 -14.45 12.25
C GLU A 540 3.66 -15.49 12.70
N ILE A 541 2.40 -15.06 12.76
CA ILE A 541 1.30 -15.93 13.00
C ILE A 541 0.20 -15.66 11.98
N ARG A 542 -0.27 -16.71 11.34
CA ARG A 542 -1.44 -16.70 10.51
C ARG A 542 -2.52 -17.51 11.21
N SER A 543 -3.61 -16.84 11.58
CA SER A 543 -4.73 -17.46 12.24
C SER A 543 -6.01 -16.92 11.65
N GLY A 544 -6.66 -17.73 10.82
CA GLY A 544 -7.85 -17.25 10.11
C GLY A 544 -7.48 -16.10 9.21
N SER A 545 -8.27 -15.01 9.27
CA SER A 545 -8.06 -13.85 8.42
C SER A 545 -7.17 -12.83 9.10
N VAL A 546 -6.48 -13.22 10.17
CA VAL A 546 -5.52 -12.31 10.82
C VAL A 546 -4.09 -12.82 10.58
N GLU A 547 -3.18 -11.93 10.25
CA GLU A 547 -1.75 -12.24 10.21
C GLU A 547 -1.03 -11.23 11.08
N VAL A 548 -0.16 -11.76 11.94
CA VAL A 548 0.61 -10.97 12.88
C VAL A 548 2.06 -11.01 12.43
N HIS A 549 2.70 -9.85 12.33
CA HIS A 549 4.10 -9.76 11.96
C HIS A 549 4.73 -9.07 13.14
N ALA A 550 5.56 -9.78 13.91
CA ALA A 550 5.89 -9.33 15.24
C ALA A 550 7.35 -9.50 15.68
N LYS A 551 7.87 -8.48 16.32
CA LYS A 551 9.18 -8.61 16.98
C LYS A 551 9.03 -9.57 18.16
N VAL A 552 9.87 -10.60 18.17
CA VAL A 552 9.77 -11.63 19.20
C VAL A 552 9.79 -11.10 20.61
N GLU A 553 10.71 -10.19 20.91
CA GLU A 553 10.84 -9.68 22.28
C GLU A 553 9.52 -9.00 22.73
N LYS A 554 8.78 -8.41 21.80
CA LYS A 554 7.48 -7.81 22.16
C LYS A 554 6.45 -8.85 22.51
N VAL A 555 6.40 -9.91 21.73
CA VAL A 555 5.44 -10.97 22.00
C VAL A 555 5.82 -11.74 23.28
N ARG A 556 7.10 -12.03 23.42
CA ARG A 556 7.61 -12.63 24.67
C ARG A 556 7.20 -11.78 25.88
N GLY A 557 7.34 -10.47 25.77
CA GLY A 557 6.91 -9.56 26.82
C GLY A 557 5.44 -9.68 27.21
N SER A 558 4.56 -9.83 26.21
CA SER A 558 3.12 -10.01 26.53
C SER A 558 2.85 -11.36 27.19
N ILE A 559 3.50 -12.41 26.71
CA ILE A 559 3.27 -13.79 27.24
C ILE A 559 3.78 -13.80 28.70
N ASP A 560 4.95 -13.20 28.92
CA ASP A 560 5.55 -13.16 30.26
C ASP A 560 4.72 -12.30 31.17
N LYS A 561 4.30 -11.13 30.70
CA LYS A 561 3.51 -10.24 31.56
C LYS A 561 2.14 -10.81 31.96
N ASP A 562 1.36 -11.28 30.99
CA ASP A 562 -0.05 -11.56 31.28
C ASP A 562 -0.42 -13.04 31.27
N TYR A 563 0.51 -13.90 30.82
CA TYR A 563 0.28 -15.34 30.74
C TYR A 563 1.32 -16.15 31.54
N GLY A 564 2.11 -15.47 32.38
CA GLY A 564 3.06 -16.19 33.20
C GLY A 564 4.03 -17.05 32.41
N GLY A 565 4.38 -16.67 31.18
CA GLY A 565 5.27 -17.47 30.34
C GLY A 565 4.60 -18.63 29.61
N ASP A 566 3.28 -18.76 29.73
CA ASP A 566 2.58 -19.89 29.09
C ASP A 566 2.19 -19.61 27.65
N VAL A 567 3.03 -20.06 26.74
CA VAL A 567 2.88 -19.72 25.35
C VAL A 567 1.63 -20.40 24.78
N GLN A 568 1.33 -21.63 25.24
CA GLN A 568 0.11 -22.32 24.82
C GLN A 568 -1.13 -21.52 25.12
N ARG A 569 -1.22 -21.00 26.35
CA ARG A 569 -2.43 -20.30 26.78
C ARG A 569 -2.56 -18.98 26.00
N PHE A 570 -1.45 -18.29 25.81
CA PHE A 570 -1.43 -17.11 24.95
C PHE A 570 -1.98 -17.41 23.55
N ILE A 571 -1.48 -18.44 22.90
CA ILE A 571 -1.93 -18.82 21.57
C ILE A 571 -3.41 -19.18 21.51
N ARG A 572 -3.85 -19.99 22.47
CA ARG A 572 -5.24 -20.32 22.55
C ARG A 572 -6.14 -19.09 22.67
N GLU A 573 -5.76 -18.16 23.55
CA GLU A 573 -6.57 -16.95 23.70
C GLU A 573 -6.52 -16.06 22.47
N LEU A 574 -5.36 -15.96 21.84
CA LEU A 574 -5.23 -15.19 20.62
C LEU A 574 -6.16 -15.75 19.57
N ASN A 575 -6.20 -17.09 19.46
CA ASN A 575 -7.03 -17.70 18.44
C ASN A 575 -8.50 -17.62 18.79
N GLU A 576 -8.85 -17.85 20.05
CA GLU A 576 -10.24 -17.99 20.42
C GLU A 576 -10.94 -16.75 20.97
N VAL A 577 -10.31 -16.12 21.93
CA VAL A 577 -10.86 -14.98 22.66
C VAL A 577 -10.77 -13.73 21.83
N PHE A 578 -9.75 -13.66 20.98
CA PHE A 578 -9.55 -12.47 20.13
C PHE A 578 -10.09 -12.70 18.75
N ILE A 579 -9.44 -13.58 18.01
CA ILE A 579 -9.73 -13.74 16.59
C ILE A 579 -11.07 -14.39 16.33
N ASP A 580 -11.23 -15.60 16.81
CA ASP A 580 -12.45 -16.32 16.51
C ASP A 580 -13.68 -15.61 17.10
N ASP A 581 -13.52 -15.01 18.27
CA ASP A 581 -14.63 -14.28 18.86
C ASP A 581 -15.22 -13.25 17.89
N ALA A 582 -14.37 -12.50 17.21
CA ALA A 582 -14.81 -11.43 16.37
C ALA A 582 -15.47 -11.93 15.09
N TYR A 583 -14.79 -12.87 14.44
CA TYR A 583 -15.31 -13.40 13.19
C TYR A 583 -16.59 -14.19 13.37
N THR A 584 -16.74 -14.82 14.52
CA THR A 584 -17.93 -15.53 14.85
C THR A 584 -19.05 -14.55 15.21
N LEU A 585 -18.71 -13.47 15.90
CA LEU A 585 -19.73 -12.44 16.22
C LEU A 585 -20.32 -11.86 14.92
N ALA A 586 -19.47 -11.67 13.93
CA ALA A 586 -19.91 -11.13 12.67
C ALA A 586 -20.53 -12.21 11.72
N GLY A 587 -20.58 -13.44 12.17
CA GLY A 587 -21.33 -14.46 11.46
C GLY A 587 -20.69 -15.01 10.20
N PHE A 588 -19.38 -14.95 10.08
CA PHE A 588 -18.79 -15.40 8.84
C PHE A 588 -18.83 -16.91 8.77
N ALA A 589 -18.69 -17.39 7.53
CA ALA A 589 -18.67 -18.82 7.27
C ALA A 589 -17.26 -19.34 7.60
N ILE A 590 -17.11 -19.92 8.77
CA ILE A 590 -15.82 -20.33 9.25
C ILE A 590 -15.64 -21.86 9.05
N PRO A 591 -14.57 -22.28 8.33
CA PRO A 591 -14.35 -23.68 8.06
C PRO A 591 -14.47 -24.56 9.26
N ASN A 592 -15.29 -25.57 9.07
CA ASN A 592 -15.53 -26.58 10.04
C ASN A 592 -16.04 -26.08 11.39
N GLN A 593 -16.65 -24.88 11.42
CA GLN A 593 -17.36 -24.40 12.58
C GLN A 593 -18.83 -24.10 12.21
N ALA A 594 -19.73 -24.93 12.71
CA ALA A 594 -21.16 -24.66 12.56
C ALA A 594 -21.53 -23.46 13.41
N LYS A 595 -22.61 -22.84 13.03
CA LYS A 595 -23.25 -21.82 13.85
C LYS A 595 -23.76 -22.45 15.10
N THR A 596 -23.89 -21.65 16.13
CA THR A 596 -24.46 -22.20 17.36
C THR A 596 -25.92 -22.60 17.15
N PRO A 597 -26.47 -23.48 18.03
CA PRO A 597 -27.85 -23.94 17.82
C PRO A 597 -28.85 -22.78 17.74
N ALA A 598 -28.73 -21.76 18.58
CA ALA A 598 -29.70 -20.65 18.53
C ALA A 598 -29.62 -19.84 17.24
N ILE A 599 -28.44 -19.71 16.66
CA ILE A 599 -28.31 -18.99 15.41
C ILE A 599 -28.85 -19.86 14.25
N GLN A 600 -28.45 -21.13 14.24
N GLN A 600 -28.51 -21.15 14.24
CA GLN A 600 -28.99 -22.15 13.32
CA GLN A 600 -29.00 -22.03 13.16
C GLN A 600 -30.50 -22.09 13.23
C GLN A 600 -30.53 -22.16 13.20
N GLN A 601 -31.13 -22.16 14.38
CA GLN A 601 -32.60 -22.18 14.47
C GLN A 601 -33.25 -20.91 14.02
N GLU A 602 -32.72 -19.77 14.46
CA GLU A 602 -33.29 -18.52 14.02
C GLU A 602 -33.15 -18.36 12.51
N CYS A 603 -32.01 -18.78 11.95
CA CYS A 603 -31.84 -18.70 10.48
C CYS A 603 -32.88 -19.56 9.73
N ALA A 604 -33.13 -20.78 10.19
CA ALA A 604 -34.22 -21.61 9.64
C ALA A 604 -35.59 -20.97 9.85
N ALA A 605 -35.87 -20.44 11.03
CA ALA A 605 -37.13 -19.75 11.25
C ALA A 605 -37.35 -18.50 10.37
N ARG A 606 -36.27 -17.82 10.01
CA ARG A 606 -36.34 -16.74 9.07
C ARG A 606 -36.26 -17.23 7.59
N GLY A 607 -36.02 -18.53 7.37
CA GLY A 607 -35.66 -19.07 6.06
C GLY A 607 -34.55 -18.30 5.31
N TRP A 608 -33.36 -18.22 5.93
CA TRP A 608 -32.25 -17.44 5.42
C TRP A 608 -31.11 -18.31 4.95
N ASP A 609 -30.27 -17.78 4.05
CA ASP A 609 -28.94 -18.39 3.78
C ASP A 609 -27.95 -17.74 4.75
N CYS A 610 -27.58 -18.48 5.79
CA CYS A 610 -26.60 -17.99 6.82
C CYS A 610 -25.25 -18.71 6.71
N ASP A 611 -25.04 -19.48 5.63
CA ASP A 611 -23.85 -20.31 5.53
C ASP A 611 -23.08 -20.34 4.25
N SER A 612 -23.59 -19.80 3.16
CA SER A 612 -22.84 -19.90 1.90
C SER A 612 -21.59 -19.01 1.86
N GLU A 613 -20.59 -19.44 1.10
CA GLU A 613 -19.39 -18.63 0.90
C GLU A 613 -19.75 -17.45 0.09
N THR A 614 -20.63 -17.66 -0.89
CA THR A 614 -21.05 -16.56 -1.72
C THR A 614 -21.42 -15.32 -0.88
N LEU A 615 -22.20 -15.53 0.18
CA LEU A 615 -22.68 -14.39 0.96
C LEU A 615 -21.81 -14.06 2.18
N HIS A 616 -21.20 -15.07 2.78
CA HIS A 616 -20.59 -14.95 4.09
C HIS A 616 -19.15 -15.42 4.19
N LYS A 617 -18.47 -15.54 3.05
CA LYS A 617 -17.04 -15.87 3.12
C LYS A 617 -16.27 -14.89 4.01
N LEU A 618 -15.26 -15.44 4.69
CA LEU A 618 -14.39 -14.60 5.50
C LEU A 618 -13.83 -13.49 4.64
N PRO A 619 -13.63 -12.32 5.23
CA PRO A 619 -13.02 -11.24 4.48
C PRO A 619 -11.52 -11.36 4.29
N GLY A 620 -10.97 -10.43 3.55
CA GLY A 620 -9.52 -10.40 3.35
C GLY A 620 -8.78 -10.15 4.63
N THR A 621 -7.52 -10.50 4.59
CA THR A 621 -6.66 -10.43 5.72
C THR A 621 -6.55 -9.09 6.42
N GLN A 622 -6.64 -9.11 7.73
CA GLN A 622 -6.26 -7.93 8.54
C GLN A 622 -4.89 -8.24 9.11
N HIS A 623 -3.92 -7.41 8.80
CA HIS A 623 -2.55 -7.56 9.31
C HIS A 623 -2.33 -6.72 10.56
N ILE A 624 -1.49 -7.24 11.43
CA ILE A 624 -1.09 -6.55 12.62
C ILE A 624 0.41 -6.60 12.71
N ASN A 625 1.02 -5.43 12.87
CA ASN A 625 2.41 -5.25 13.11
C ASN A 625 2.64 -5.01 14.58
N VAL A 626 3.62 -5.71 15.14
CA VAL A 626 3.98 -5.54 16.53
C VAL A 626 5.49 -5.27 16.55
N ASP A 627 5.86 -4.11 17.03
CA ASP A 627 7.21 -3.60 16.78
C ASP A 627 7.57 -2.55 17.84
N GLN A 628 8.79 -2.07 17.79
CA GLN A 628 9.31 -1.12 18.77
C GLN A 628 8.70 0.24 18.50
N TYR A 629 8.35 0.50 17.25
CA TYR A 629 7.73 1.74 16.86
C TYR A 629 6.54 1.50 15.93
N ALA A 630 5.64 2.47 15.85
CA ALA A 630 4.45 2.45 15.01
C ALA A 630 4.45 3.62 14.01
N GLN A 631 3.62 3.49 12.99
CA GLN A 631 3.43 4.56 12.01
C GLN A 631 3.10 5.91 12.68
N CYS A 632 2.30 5.83 13.73
CA CYS A 632 1.82 7.01 14.42
C CYS A 632 1.54 6.58 15.87
N GLY A 633 1.67 7.52 16.80
CA GLY A 633 1.63 7.19 18.24
C GLY A 633 2.45 5.99 18.66
N GLY A 634 1.92 5.30 19.69
CA GLY A 634 2.38 4.00 20.15
C GLY A 634 1.64 2.84 19.51
N GLY A 635 0.67 3.19 18.68
CA GLY A 635 -0.05 2.29 17.83
C GLY A 635 -0.91 3.10 16.88
N CYS A 636 -1.31 2.49 15.78
CA CYS A 636 -1.87 3.25 14.65
C CYS A 636 -2.78 2.38 13.81
N SER A 637 -3.90 2.97 13.36
N SER A 637 -3.89 2.98 13.35
CA SER A 637 -4.87 2.28 12.54
CA SER A 637 -4.87 2.33 12.53
C SER A 637 -4.31 1.97 11.18
C SER A 637 -4.31 1.98 11.17
N GLY A 638 -4.94 1.03 10.51
CA GLY A 638 -4.66 0.71 9.11
C GLY A 638 -4.71 -0.78 8.85
N ASN A 639 -4.11 -1.16 7.72
CA ASN A 639 -3.92 -2.55 7.44
C ASN A 639 -2.62 -2.71 6.76
N PRO A 640 -1.54 -3.04 7.46
CA PRO A 640 -1.55 -3.44 8.89
C PRO A 640 -1.91 -2.33 9.86
N TYR A 641 -2.56 -2.69 10.97
CA TYR A 641 -2.51 -1.79 12.09
C TYR A 641 -1.28 -2.10 12.96
N ASP A 642 -0.71 -1.08 13.60
CA ASP A 642 0.63 -1.15 14.24
C ASP A 642 0.41 -1.01 15.74
N GLN A 643 1.24 -1.67 16.52
CA GLN A 643 1.26 -1.43 17.95
C GLN A 643 2.64 -1.78 18.52
N THR A 644 2.98 -1.19 19.67
CA THR A 644 4.32 -1.28 20.24
C THR A 644 4.35 -1.87 21.61
N TRP A 645 3.19 -2.09 22.19
CA TRP A 645 3.13 -2.58 23.58
C TRP A 645 3.29 -4.07 23.70
N GLY A 646 3.13 -4.78 22.60
CA GLY A 646 3.06 -6.24 22.63
C GLY A 646 1.81 -6.62 21.85
N LEU A 647 1.15 -7.68 22.30
CA LEU A 647 -0.04 -8.19 21.67
C LEU A 647 -0.82 -8.88 22.74
N ASN A 648 -1.99 -8.32 23.06
CA ASN A 648 -2.82 -8.73 24.21
C ASN A 648 -4.10 -9.34 23.67
N PRO A 649 -4.26 -10.68 23.70
CA PRO A 649 -5.52 -11.26 23.26
C PRO A 649 -6.78 -10.67 23.95
N ARG A 650 -6.65 -10.21 25.18
CA ARG A 650 -7.74 -9.64 25.92
C ARG A 650 -7.82 -8.11 25.83
N GLY A 651 -6.96 -7.51 25.02
CA GLY A 651 -6.87 -6.02 24.92
C GLY A 651 -8.06 -5.38 24.28
N TRP A 652 -8.43 -4.21 24.80
CA TRP A 652 -9.51 -3.44 24.21
C TRP A 652 -9.16 -2.96 22.79
N GLY A 653 -8.00 -2.35 22.66
CA GLY A 653 -7.52 -1.77 21.41
C GLY A 653 -7.50 -2.82 20.31
N GLU A 654 -6.98 -4.02 20.62
CA GLU A 654 -6.81 -5.05 19.58
C GLU A 654 -8.17 -5.36 18.89
N SER A 655 -9.21 -5.51 19.70
CA SER A 655 -10.55 -5.84 19.21
C SER A 655 -11.30 -4.61 18.64
N HIS A 656 -11.09 -3.42 19.18
CA HIS A 656 -11.63 -2.18 18.65
C HIS A 656 -11.14 -1.98 17.23
N GLU A 657 -9.85 -2.18 17.05
CA GLU A 657 -9.26 -1.96 15.74
C GLU A 657 -9.56 -3.05 14.73
N LEU A 658 -9.58 -4.32 15.17
CA LEU A 658 -10.10 -5.40 14.33
C LEU A 658 -11.54 -5.08 13.93
N GLY A 659 -12.30 -4.58 14.90
CA GLY A 659 -13.66 -4.16 14.66
C GLY A 659 -13.86 -3.16 13.54
N HIS A 660 -12.96 -2.19 13.42
CA HIS A 660 -13.00 -1.34 12.24
C HIS A 660 -13.00 -2.07 10.90
N ASN A 661 -12.18 -3.11 10.76
CA ASN A 661 -12.13 -3.87 9.56
C ASN A 661 -13.46 -4.55 9.26
N LEU A 662 -14.23 -4.85 10.31
CA LEU A 662 -15.49 -5.57 10.17
C LEU A 662 -16.76 -4.70 10.14
N GLN A 663 -16.61 -3.37 10.17
CA GLN A 663 -17.76 -2.52 10.13
C GLN A 663 -18.43 -2.56 8.76
N VAL A 664 -19.74 -2.29 8.76
CA VAL A 664 -20.54 -2.14 7.57
C VAL A 664 -21.50 -0.97 7.76
N ASN A 665 -21.60 -0.16 6.73
CA ASN A 665 -22.42 1.05 6.79
C ASN A 665 -23.86 0.80 7.17
N ARG A 666 -24.45 -0.32 6.80
CA ARG A 666 -25.85 -0.55 7.07
C ARG A 666 -26.09 -0.91 8.53
N LEU A 667 -25.04 -1.00 9.35
CA LEU A 667 -25.22 -1.19 10.80
C LEU A 667 -24.69 -0.02 11.67
N LYS A 668 -24.52 1.13 11.05
CA LYS A 668 -24.08 2.35 11.71
C LYS A 668 -25.27 3.29 11.89
N VAL A 669 -25.46 3.80 13.10
CA VAL A 669 -26.41 4.89 13.36
C VAL A 669 -25.80 6.20 12.94
N TYR A 670 -26.50 6.89 12.03
CA TYR A 670 -26.01 8.13 11.47
C TYR A 670 -24.59 8.06 10.94
N GLY A 671 -24.30 7.05 10.15
CA GLY A 671 -23.09 6.99 9.40
C GLY A 671 -21.86 7.19 10.30
N GLY A 672 -21.02 8.16 9.91
CA GLY A 672 -19.82 8.54 10.68
C GLY A 672 -20.01 8.79 12.17
N ARG A 673 -21.21 9.16 12.63
CA ARG A 673 -21.45 9.32 14.06
C ARG A 673 -21.25 7.99 14.84
N SER A 674 -21.45 6.87 14.15
CA SER A 674 -21.11 5.57 14.70
C SER A 674 -19.81 4.98 14.19
N GLY A 675 -18.97 5.80 13.57
CA GLY A 675 -17.68 5.32 13.00
C GLY A 675 -16.74 4.78 14.13
N GLU A 676 -16.91 5.24 15.36
CA GLU A 676 -16.16 4.72 16.53
C GLU A 676 -17.09 4.02 17.51
N ILE A 677 -18.26 3.61 17.02
CA ILE A 677 -19.25 2.99 17.88
C ILE A 677 -19.59 1.57 17.44
N SER A 678 -19.91 1.42 16.15
CA SER A 678 -20.41 0.13 15.68
C SER A 678 -19.33 -0.96 15.67
N ASN A 679 -18.08 -0.56 15.65
CA ASN A 679 -16.99 -1.51 15.89
C ASN A 679 -16.81 -1.97 17.36
N GLN A 680 -17.44 -1.23 18.30
CA GLN A 680 -17.26 -1.45 19.73
C GLN A 680 -17.96 -2.72 20.20
N ILE A 681 -18.87 -3.29 19.38
CA ILE A 681 -19.47 -4.52 19.74
C ILE A 681 -18.40 -5.60 19.88
N PHE A 682 -17.30 -5.51 19.16
CA PHE A 682 -16.27 -6.57 19.23
C PHE A 682 -15.53 -6.58 20.57
N PRO A 683 -14.99 -5.43 21.00
CA PRO A 683 -14.38 -5.47 22.32
C PRO A 683 -15.37 -5.62 23.46
N LEU A 684 -16.59 -5.10 23.30
CA LEU A 684 -17.56 -5.29 24.33
C LEU A 684 -17.93 -6.75 24.49
N HIS A 685 -18.18 -7.43 23.39
CA HIS A 685 -18.52 -8.85 23.44
C HIS A 685 -17.36 -9.62 24.11
N LYS A 686 -16.16 -9.34 23.66
CA LYS A 686 -14.98 -10.01 24.24
C LYS A 686 -14.92 -9.76 25.74
N ASP A 687 -15.17 -8.53 26.21
CA ASP A 687 -15.13 -8.28 27.67
C ASP A 687 -16.23 -9.02 28.47
N TRP A 688 -17.43 -9.12 27.88
CA TRP A 688 -18.53 -9.88 28.46
C TRP A 688 -18.10 -11.33 28.61
N ARG A 689 -17.47 -11.85 27.56
CA ARG A 689 -16.99 -13.20 27.54
C ARG A 689 -15.86 -13.41 28.57
N VAL A 690 -14.91 -12.50 28.59
CA VAL A 690 -13.76 -12.59 29.51
C VAL A 690 -14.23 -12.58 30.96
N LEU A 691 -15.18 -11.71 31.31
CA LEU A 691 -15.63 -11.68 32.72
C LEU A 691 -16.29 -13.03 33.11
N ARG A 692 -17.15 -13.54 32.24
N ARG A 692 -17.19 -13.52 32.25
CA ARG A 692 -17.79 -14.86 32.49
CA ARG A 692 -17.81 -14.84 32.48
C ARG A 692 -16.78 -16.00 32.48
C ARG A 692 -16.81 -16.00 32.46
N GLU A 693 -16.01 -16.10 31.40
CA GLU A 693 -15.16 -17.28 31.20
C GLU A 693 -13.91 -17.29 32.04
N PHE A 694 -13.45 -16.12 32.49
CA PHE A 694 -12.19 -16.02 33.26
C PHE A 694 -12.30 -15.27 34.57
N GLY A 695 -13.39 -14.55 34.80
CA GLY A 695 -13.55 -13.84 36.02
C GLY A 695 -12.79 -12.54 36.05
N GLN A 696 -12.30 -12.08 34.91
CA GLN A 696 -11.52 -10.83 34.88
C GLN A 696 -12.41 -9.72 34.32
N ASN A 697 -12.43 -8.59 35.02
CA ASN A 697 -13.40 -7.54 34.73
C ASN A 697 -12.67 -6.40 34.02
N LEU A 698 -12.84 -6.28 32.72
CA LEU A 698 -12.10 -5.29 31.95
C LEU A 698 -12.97 -4.21 31.38
N ASP A 699 -12.50 -2.96 31.47
CA ASP A 699 -13.19 -1.86 30.79
C ASP A 699 -14.63 -1.80 31.14
N ASP A 700 -14.89 -1.90 32.44
CA ASP A 700 -16.23 -2.12 32.96
C ASP A 700 -17.06 -0.82 33.07
N THR A 701 -16.48 0.32 32.67
CA THR A 701 -17.20 1.55 32.67
C THR A 701 -17.32 2.14 31.27
N ARG A 702 -17.06 1.35 30.23
CA ARG A 702 -17.17 1.83 28.89
C ARG A 702 -18.60 2.27 28.51
N VAL A 703 -19.63 1.52 28.90
CA VAL A 703 -20.96 1.80 28.32
C VAL A 703 -21.69 2.69 29.29
N ASN A 704 -21.82 3.95 28.90
CA ASN A 704 -22.40 4.97 29.75
C ASN A 704 -23.93 5.04 29.67
N TYR A 705 -24.55 4.01 30.24
CA TYR A 705 -25.96 3.90 30.34
C TYR A 705 -26.54 5.10 31.08
N ARG A 706 -25.88 5.49 32.17
CA ARG A 706 -26.40 6.56 33.01
C ARG A 706 -26.49 7.90 32.28
N ASN A 707 -25.44 8.29 31.59
CA ASN A 707 -25.51 9.56 30.90
C ASN A 707 -26.34 9.49 29.62
N ALA A 708 -26.32 8.34 28.93
CA ALA A 708 -27.22 8.17 27.79
C ALA A 708 -28.64 8.45 28.27
N TYR A 709 -29.02 7.84 29.39
CA TYR A 709 -30.32 8.10 29.97
C TYR A 709 -30.59 9.60 30.24
N ASN A 710 -29.64 10.27 30.85
CA ASN A 710 -29.82 11.72 31.10
C ASN A 710 -30.14 12.48 29.84
N LEU A 711 -29.37 12.22 28.80
CA LEU A 711 -29.54 12.90 27.52
C LEU A 711 -30.88 12.57 26.87
N ILE A 712 -31.33 11.33 26.99
CA ILE A 712 -32.63 10.92 26.47
C ILE A 712 -33.78 11.62 27.27
N VAL A 713 -33.70 11.58 28.58
CA VAL A 713 -34.75 12.19 29.37
C VAL A 713 -34.82 13.73 29.10
N ALA A 714 -33.66 14.39 28.99
CA ALA A 714 -33.63 15.85 28.73
C ALA A 714 -34.16 16.13 27.33
N GLY A 715 -33.65 15.40 26.32
CA GLY A 715 -34.05 15.60 24.93
C GLY A 715 -35.53 15.38 24.66
N ARG A 716 -36.07 14.31 25.25
CA ARG A 716 -37.42 13.92 24.92
C ARG A 716 -38.46 14.86 25.50
N ALA A 717 -38.02 15.76 26.37
CA ALA A 717 -38.90 16.79 26.92
C ALA A 717 -39.16 17.91 25.91
N GLU A 718 -38.34 18.00 24.87
CA GLU A 718 -38.51 19.02 23.86
C GLU A 718 -39.76 18.86 23.00
N ALA A 719 -40.04 19.91 22.21
CA ALA A 719 -41.26 19.97 21.42
C ALA A 719 -41.22 18.88 20.38
N ASP A 720 -40.05 18.68 19.78
CA ASP A 720 -39.83 17.52 18.93
C ASP A 720 -38.90 16.60 19.74
N PRO A 721 -39.46 15.59 20.41
CA PRO A 721 -38.67 14.76 21.31
C PRO A 721 -37.53 14.02 20.59
N LEU A 722 -37.75 13.59 19.34
CA LEU A 722 -36.71 12.91 18.58
C LEU A 722 -35.56 13.87 18.22
N ALA A 723 -35.88 15.05 17.72
CA ALA A 723 -34.87 16.06 17.48
C ALA A 723 -34.10 16.45 18.75
N GLY A 724 -34.80 16.54 19.88
CA GLY A 724 -34.16 16.94 21.13
C GLY A 724 -33.07 15.93 21.54
N VAL A 725 -33.40 14.64 21.44
CA VAL A 725 -32.42 13.61 21.76
C VAL A 725 -31.31 13.57 20.71
N ASN A 726 -31.67 13.69 19.43
CA ASN A 726 -30.71 13.72 18.36
C ASN A 726 -29.65 14.78 18.60
N LYS A 727 -30.10 15.96 19.02
CA LYS A 727 -29.20 17.08 19.23
C LYS A 727 -28.24 16.73 20.34
N ARG A 728 -28.78 16.16 21.41
CA ARG A 728 -27.96 15.81 22.57
C ARG A 728 -27.03 14.63 22.40
N LEU A 729 -27.42 13.64 21.60
CA LEU A 729 -26.65 12.41 21.45
C LEU A 729 -25.81 12.23 20.14
N TRP A 730 -26.43 12.52 18.98
CA TRP A 730 -25.83 12.14 17.69
C TRP A 730 -25.25 13.31 16.90
N GLU A 731 -25.58 14.53 17.28
CA GLU A 731 -25.19 15.68 16.45
C GLU A 731 -23.71 16.00 16.48
N ASP A 732 -23.11 15.91 17.65
CA ASP A 732 -21.70 16.25 17.81
C ASP A 732 -20.87 15.40 16.86
N PRO A 733 -20.10 16.05 15.99
CA PRO A 733 -19.32 15.36 14.97
C PRO A 733 -17.92 14.94 15.42
N GLY A 734 -17.52 15.27 16.64
CA GLY A 734 -16.18 14.92 17.12
C GLY A 734 -15.92 13.42 17.05
N THR A 735 -14.66 13.06 16.79
CA THR A 735 -14.31 11.67 16.48
C THR A 735 -14.79 10.67 17.54
N TYR A 736 -14.54 10.95 18.81
CA TYR A 736 -15.03 10.06 19.90
C TYR A 736 -16.10 10.73 20.71
N ALA A 737 -16.83 11.66 20.11
CA ALA A 737 -17.89 12.34 20.83
C ALA A 737 -18.94 11.35 21.36
N LEU A 738 -19.35 11.56 22.61
CA LEU A 738 -20.37 10.77 23.25
C LEU A 738 -20.17 9.25 23.04
N ASN A 739 -18.95 8.79 23.09
CA ASN A 739 -18.64 7.44 22.70
C ASN A 739 -19.35 6.45 23.63
N GLY A 740 -19.28 6.74 24.92
CA GLY A 740 -19.89 5.83 25.89
C GLY A 740 -21.41 5.81 25.83
N GLU A 741 -21.99 6.97 25.52
CA GLU A 741 -23.44 7.09 25.45
C GLU A 741 -24.02 6.42 24.19
N ARG A 742 -23.34 6.59 23.06
CA ARG A 742 -23.78 5.98 21.81
C ARG A 742 -23.64 4.46 21.89
N MET A 743 -22.59 3.97 22.53
CA MET A 743 -22.43 2.53 22.74
C MET A 743 -23.61 1.93 23.48
N ALA A 744 -24.20 2.69 24.39
CA ALA A 744 -25.32 2.16 25.15
C ALA A 744 -26.57 1.82 24.25
N PHE A 745 -26.65 2.43 23.07
CA PHE A 745 -27.69 2.07 22.13
C PHE A 745 -27.47 0.69 21.55
N TYR A 746 -26.21 0.35 21.20
CA TYR A 746 -25.92 -0.90 20.65
C TYR A 746 -26.17 -2.03 21.61
N THR A 747 -25.90 -1.82 22.89
CA THR A 747 -26.17 -2.88 23.87
C THR A 747 -27.60 -3.06 24.28
N GLN A 748 -28.43 -2.04 24.02
CA GLN A 748 -29.88 -2.16 24.29
C GLN A 748 -30.41 -3.48 23.72
N TRP A 749 -29.99 -3.76 22.49
CA TRP A 749 -30.56 -4.88 21.69
C TRP A 749 -30.06 -6.21 22.17
N VAL A 750 -28.86 -6.21 22.78
CA VAL A 750 -28.35 -7.39 23.41
C VAL A 750 -29.19 -7.77 24.63
N HIS A 751 -29.48 -6.81 25.50
CA HIS A 751 -30.31 -7.09 26.66
C HIS A 751 -31.76 -7.46 26.21
N TYR A 752 -32.23 -6.85 25.13
CA TYR A 752 -33.61 -7.10 24.64
C TYR A 752 -33.74 -8.52 24.09
N TRP A 753 -32.75 -8.91 23.30
CA TRP A 753 -32.71 -10.24 22.71
C TRP A 753 -32.58 -11.30 23.76
N ALA A 754 -31.72 -11.11 24.77
CA ALA A 754 -31.64 -12.07 25.86
C ALA A 754 -33.00 -12.27 26.52
N ASP A 755 -33.68 -11.18 26.82
CA ASP A 755 -35.03 -11.30 27.39
C ASP A 755 -35.98 -11.99 26.45
N LEU A 756 -35.93 -11.60 25.17
CA LEU A 756 -36.88 -12.16 24.19
C LEU A 756 -36.69 -13.65 24.04
N LYS A 757 -35.43 -14.12 24.08
CA LYS A 757 -35.14 -15.53 24.02
C LYS A 757 -35.24 -16.24 25.37
N ASN A 758 -35.49 -15.50 26.44
CA ASN A 758 -35.46 -16.01 27.77
C ASN A 758 -34.19 -16.82 28.10
N ASP A 759 -33.04 -16.28 27.72
CA ASP A 759 -31.76 -16.97 27.91
C ASP A 759 -30.68 -15.89 28.00
N PRO A 760 -30.10 -15.71 29.20
CA PRO A 760 -29.08 -14.67 29.41
C PRO A 760 -27.82 -14.88 28.55
N LEU A 761 -27.63 -16.07 28.00
CA LEU A 761 -26.45 -16.35 27.16
C LEU A 761 -26.63 -16.04 25.66
N GLN A 762 -27.86 -15.72 25.24
CA GLN A 762 -28.15 -15.53 23.81
C GLN A 762 -28.13 -14.06 23.35
N GLY A 763 -27.96 -13.10 24.27
CA GLY A 763 -28.16 -11.69 23.90
C GLY A 763 -27.39 -11.21 22.71
N TRP A 764 -26.11 -11.58 22.63
CA TRP A 764 -25.27 -11.06 21.56
C TRP A 764 -25.59 -11.67 20.17
N ASP A 765 -26.33 -12.77 20.12
CA ASP A 765 -26.84 -13.31 18.82
C ASP A 765 -27.58 -12.27 17.93
N ILE A 766 -28.21 -11.29 18.53
CA ILE A 766 -28.85 -10.26 17.74
C ILE A 766 -27.87 -9.58 16.80
N TRP A 767 -26.63 -9.34 17.24
CA TRP A 767 -25.65 -8.67 16.36
C TRP A 767 -25.16 -9.63 15.26
N THR A 768 -25.05 -10.92 15.60
CA THR A 768 -24.60 -11.92 14.63
C THR A 768 -25.70 -12.07 13.56
N LEU A 769 -26.94 -12.09 14.04
CA LEU A 769 -28.10 -12.11 13.14
C LEU A 769 -28.21 -10.89 12.26
N LEU A 770 -28.00 -9.71 12.82
CA LEU A 770 -28.02 -8.52 11.99
C LEU A 770 -26.91 -8.57 10.98
N TYR A 771 -25.74 -9.09 11.37
CA TYR A 771 -24.65 -9.20 10.38
C TYR A 771 -25.01 -10.12 9.21
N LEU A 772 -25.61 -11.25 9.55
CA LEU A 772 -26.07 -12.24 8.58
C LEU A 772 -27.09 -11.63 7.67
N HIS A 773 -28.06 -10.94 8.26
CA HIS A 773 -29.10 -10.29 7.52
C HIS A 773 -28.49 -9.26 6.56
N GLN A 774 -27.55 -8.44 7.05
CA GLN A 774 -27.04 -7.35 6.27
C GLN A 774 -26.31 -7.85 5.03
N ARG A 775 -25.58 -8.95 5.15
CA ARG A 775 -24.82 -9.40 3.99
C ARG A 775 -25.78 -9.97 2.90
N GLN A 776 -26.91 -10.53 3.33
CA GLN A 776 -27.98 -10.88 2.37
C GLN A 776 -28.62 -9.66 1.77
N VAL A 777 -28.94 -8.68 2.60
CA VAL A 777 -29.45 -7.43 2.11
C VAL A 777 -28.50 -6.86 1.05
N ASP A 778 -27.20 -6.99 1.30
CA ASP A 778 -26.21 -6.39 0.42
C ASP A 778 -25.99 -7.12 -0.93
N LYS A 779 -26.10 -8.43 -0.95
CA LYS A 779 -25.73 -9.21 -2.10
C LYS A 779 -26.77 -10.21 -2.60
N SER A 780 -27.80 -10.53 -1.85
CA SER A 780 -28.76 -11.51 -2.39
C SER A 780 -29.53 -10.91 -3.55
N ASP A 781 -29.93 -11.78 -4.48
CA ASP A 781 -30.79 -11.37 -5.59
C ASP A 781 -32.04 -10.73 -4.98
N TRP A 782 -32.33 -9.50 -5.37
CA TRP A 782 -33.29 -8.64 -4.68
C TRP A 782 -34.71 -9.17 -4.80
N ASP A 783 -35.20 -9.36 -6.02
CA ASP A 783 -36.65 -9.69 -6.17
C ASP A 783 -36.97 -11.01 -5.49
N ALA A 784 -36.08 -11.97 -5.64
CA ALA A 784 -36.26 -13.30 -5.10
C ALA A 784 -36.15 -13.44 -3.56
N ASN A 785 -35.40 -12.54 -2.93
CA ASN A 785 -35.09 -12.67 -1.49
C ASN A 785 -35.62 -11.56 -0.59
N LYS A 786 -36.07 -10.45 -1.15
CA LYS A 786 -36.50 -9.31 -0.35
C LYS A 786 -37.60 -9.67 0.65
N ALA A 787 -38.51 -10.58 0.31
CA ALA A 787 -39.58 -10.94 1.25
C ALA A 787 -39.02 -11.60 2.51
N ALA A 788 -38.14 -12.57 2.33
CA ALA A 788 -37.51 -13.24 3.46
C ALA A 788 -36.69 -12.26 4.32
N LEU A 789 -36.15 -11.23 3.70
CA LEU A 789 -35.33 -10.24 4.40
C LEU A 789 -36.12 -9.11 5.05
N GLY A 790 -37.45 -9.15 4.94
CA GLY A 790 -38.29 -8.06 5.48
C GLY A 790 -38.25 -6.77 4.70
N TYR A 791 -37.93 -6.87 3.41
CA TYR A 791 -37.79 -5.71 2.54
C TYR A 791 -38.81 -5.84 1.37
N GLY A 792 -39.86 -6.58 1.63
CA GLY A 792 -40.94 -6.84 0.66
C GLY A 792 -41.47 -5.63 -0.07
N THR A 793 -41.51 -4.47 0.60
CA THR A 793 -42.04 -3.27 -0.01
C THR A 793 -41.11 -2.48 -0.89
N TYR A 794 -39.82 -2.85 -0.91
CA TYR A 794 -38.82 -2.10 -1.63
C TYR A 794 -38.67 -2.61 -3.07
N ALA A 795 -38.85 -1.71 -4.02
CA ALA A 795 -38.65 -2.04 -5.45
C ALA A 795 -37.18 -2.37 -5.74
N GLN A 796 -36.28 -1.71 -5.02
CA GLN A 796 -34.84 -1.97 -5.20
C GLN A 796 -34.11 -2.09 -3.85
N ARG A 797 -32.93 -2.66 -3.93
CA ARG A 797 -32.00 -2.76 -2.79
C ARG A 797 -31.76 -1.38 -2.20
N PRO A 798 -31.81 -1.26 -0.86
CA PRO A 798 -31.45 0.02 -0.24
C PRO A 798 -30.01 0.44 -0.47
N GLY A 799 -29.75 1.73 -0.19
CA GLY A 799 -28.45 2.33 -0.34
C GLY A 799 -27.53 1.92 0.82
N ASN A 800 -26.25 2.17 0.61
CA ASN A 800 -25.18 1.85 1.53
C ASN A 800 -24.39 3.08 1.96
N SER A 801 -25.05 4.20 2.19
CA SER A 801 -24.31 5.40 2.48
C SER A 801 -23.76 5.31 3.90
N GLY A 802 -22.55 5.83 4.05
CA GLY A 802 -21.90 5.99 5.33
C GLY A 802 -21.95 7.43 5.82
N ASP A 803 -22.69 8.31 5.14
CA ASP A 803 -22.74 9.71 5.50
C ASP A 803 -23.61 9.92 6.72
N ALA A 804 -23.22 10.83 7.58
CA ALA A 804 -23.99 11.17 8.77
C ALA A 804 -25.38 11.75 8.46
N SER A 805 -25.54 12.33 7.29
CA SER A 805 -26.84 12.90 6.89
C SER A 805 -27.75 11.83 6.27
N SER A 806 -27.23 10.61 6.09
CA SER A 806 -28.01 9.55 5.48
C SER A 806 -28.78 8.75 6.53
N THR A 807 -29.91 8.20 6.08
CA THR A 807 -30.73 7.31 6.88
C THR A 807 -30.49 5.86 6.49
N ASP A 808 -29.54 5.57 5.59
CA ASP A 808 -29.33 4.21 5.14
C ASP A 808 -29.00 3.25 6.27
N GLY A 809 -28.16 3.71 7.22
CA GLY A 809 -27.84 2.88 8.36
C GLY A 809 -29.00 2.79 9.33
N ASN A 810 -29.58 3.92 9.68
CA ASN A 810 -30.69 3.90 10.63
C ASN A 810 -31.81 3.02 10.15
N ASP A 811 -32.11 3.09 8.85
CA ASP A 811 -33.23 2.33 8.27
C ASP A 811 -33.02 0.84 8.36
N ASN A 812 -31.82 0.38 7.96
CA ASN A 812 -31.59 -1.02 7.96
C ASN A 812 -31.56 -1.56 9.38
N LEU A 813 -31.01 -0.77 10.30
CA LEU A 813 -31.08 -1.16 11.71
C LEU A 813 -32.52 -1.29 12.18
N LEU A 814 -33.34 -0.27 11.87
CA LEU A 814 -34.76 -0.33 12.24
C LEU A 814 -35.48 -1.54 11.68
N LEU A 815 -35.25 -1.81 10.41
CA LEU A 815 -35.88 -2.97 9.74
C LEU A 815 -35.34 -4.30 10.24
N GLY A 816 -34.01 -4.47 10.24
CA GLY A 816 -33.44 -5.70 10.78
C GLY A 816 -33.90 -6.00 12.18
N LEU A 817 -33.83 -5.00 13.04
CA LEU A 817 -34.26 -5.18 14.44
C LEU A 817 -35.75 -5.46 14.55
N SER A 818 -36.57 -4.70 13.84
CA SER A 818 -38.03 -5.01 13.89
C SER A 818 -38.36 -6.41 13.35
N TRP A 819 -37.72 -6.75 12.24
CA TRP A 819 -37.99 -8.01 11.57
C TRP A 819 -37.53 -9.21 12.41
N LEU A 820 -36.33 -9.11 12.99
CA LEU A 820 -35.85 -10.18 13.82
C LEU A 820 -36.60 -10.30 15.13
N THR A 821 -36.91 -9.18 15.74
CA THR A 821 -37.72 -9.24 17.00
C THR A 821 -39.23 -9.44 16.81
N GLN A 822 -39.68 -9.20 15.59
CA GLN A 822 -41.07 -9.36 15.18
C GLN A 822 -41.91 -8.38 15.99
N ARG A 823 -41.38 -7.16 16.20
CA ARG A 823 -42.05 -6.07 16.86
C ARG A 823 -41.61 -4.79 16.17
N ASP A 824 -42.54 -3.85 16.10
CA ASP A 824 -42.29 -2.51 15.60
C ASP A 824 -41.45 -1.73 16.64
N GLN A 825 -40.16 -1.51 16.32
CA GLN A 825 -39.19 -0.81 17.19
C GLN A 825 -39.09 0.67 16.95
N ARG A 826 -40.07 1.23 16.21
CA ARG A 826 -40.03 2.66 15.96
C ARG A 826 -40.07 3.50 17.24
N PRO A 827 -40.80 3.06 18.26
CA PRO A 827 -40.83 3.97 19.42
C PRO A 827 -39.46 4.07 20.18
N THR A 828 -38.70 2.98 20.23
CA THR A 828 -37.37 3.05 20.88
C THR A 828 -36.38 3.77 19.97
N PHE A 829 -36.48 3.63 18.64
CA PHE A 829 -35.66 4.46 17.75
C PHE A 829 -35.92 5.94 17.95
N ALA A 830 -37.19 6.31 18.08
CA ALA A 830 -37.52 7.69 18.33
C ALA A 830 -36.97 8.16 19.70
N LEU A 831 -37.06 7.29 20.69
CA LEU A 831 -36.54 7.58 22.01
C LEU A 831 -35.08 7.99 21.95
N TRP A 832 -34.33 7.31 21.09
CA TRP A 832 -32.90 7.55 20.96
C TRP A 832 -32.58 8.62 19.95
N GLY A 833 -33.57 9.28 19.35
CA GLY A 833 -33.26 10.42 18.50
C GLY A 833 -32.82 10.03 17.12
N ILE A 834 -33.25 8.86 16.68
CA ILE A 834 -32.82 8.26 15.43
C ILE A 834 -33.91 8.28 14.37
N ARG A 835 -33.76 9.14 13.38
CA ARG A 835 -34.75 9.28 12.34
C ARG A 835 -34.50 8.27 11.21
N THR A 836 -35.58 7.87 10.56
CA THR A 836 -35.52 6.91 9.45
C THR A 836 -36.38 7.45 8.29
N SER A 837 -36.26 6.85 7.11
CA SER A 837 -36.91 7.39 5.91
C SER A 837 -38.37 6.96 5.87
N ALA A 838 -39.13 7.59 4.99
CA ALA A 838 -40.54 7.22 4.83
C ALA A 838 -40.65 5.81 4.32
N ALA A 839 -39.75 5.45 3.40
CA ALA A 839 -39.73 4.06 2.90
C ALA A 839 -39.58 3.03 4.01
N ALA A 840 -38.66 3.28 4.94
CA ALA A 840 -38.44 2.34 6.01
C ALA A 840 -39.58 2.31 6.96
N GLN A 841 -40.14 3.46 7.25
CA GLN A 841 -41.28 3.51 8.15
C GLN A 841 -42.47 2.73 7.56
N ALA A 842 -42.67 2.90 6.26
CA ALA A 842 -43.75 2.17 5.58
C ALA A 842 -43.50 0.65 5.64
N GLN A 843 -42.24 0.24 5.44
CA GLN A 843 -41.91 -1.16 5.56
C GLN A 843 -42.19 -1.70 6.94
N VAL A 844 -41.85 -0.96 7.99
CA VAL A 844 -42.16 -1.46 9.32
C VAL A 844 -43.67 -1.54 9.52
N ALA A 845 -44.39 -0.48 9.19
CA ALA A 845 -45.87 -0.55 9.22
C ALA A 845 -46.37 -1.79 8.42
N ALA A 846 -45.73 -2.13 7.30
CA ALA A 846 -46.20 -3.33 6.53
C ALA A 846 -46.11 -4.62 7.24
N TYR A 847 -45.21 -4.74 8.22
CA TYR A 847 -45.07 -6.00 8.87
C TYR A 847 -46.28 -6.30 9.72
N GLY A 848 -47.01 -5.27 10.10
CA GLY A 848 -48.22 -5.46 10.92
C GLY A 848 -47.97 -6.01 12.32
N PHE A 849 -46.81 -5.67 12.91
CA PHE A 849 -46.50 -6.13 14.27
C PHE A 849 -47.13 -5.21 15.31
N ALA A 850 -47.31 -5.72 16.51
CA ALA A 850 -47.49 -4.88 17.72
C ALA A 850 -46.28 -3.99 17.94
N GLU A 851 -46.51 -2.73 18.24
CA GLU A 851 -45.45 -1.87 18.72
C GLU A 851 -44.79 -2.51 19.92
N GLN A 852 -43.48 -2.37 19.97
CA GLN A 852 -42.77 -2.47 21.24
C GLN A 852 -42.74 -1.06 21.79
N PRO A 853 -43.47 -0.82 22.89
CA PRO A 853 -43.42 0.49 23.53
C PRO A 853 -41.97 0.82 23.92
N ALA A 854 -41.61 2.12 23.86
CA ALA A 854 -40.30 2.60 24.20
C ALA A 854 -39.80 1.98 25.51
N PHE A 855 -38.55 1.55 25.49
CA PHE A 855 -37.95 0.87 26.61
C PHE A 855 -36.50 1.30 26.72
N PHE A 856 -35.90 1.03 27.87
CA PHE A 856 -34.50 1.38 28.08
C PHE A 856 -33.93 0.42 29.11
N TYR A 857 -32.81 -0.22 28.76
CA TYR A 857 -32.08 -1.10 29.65
C TYR A 857 -30.93 -0.30 30.27
N ALA A 858 -30.91 -0.32 31.61
CA ALA A 858 -30.03 0.47 32.45
C ALA A 858 -29.13 -0.49 33.20
N ASN A 859 -27.86 -0.14 33.35
CA ASN A 859 -26.95 -0.88 34.24
C ASN A 859 -25.92 0.08 34.81
N ASN A 860 -25.30 -0.31 35.92
CA ASN A 860 -24.23 0.53 36.48
C ASN A 860 -22.84 -0.12 36.32
N ARG A 861 -22.80 -1.15 35.48
CA ARG A 861 -21.57 -1.83 35.06
C ARG A 861 -21.75 -2.15 33.57
N THR A 862 -20.64 -2.24 32.83
CA THR A 862 -20.70 -2.62 31.45
C THR A 862 -20.81 -4.14 31.27
N ASN A 863 -19.94 -4.89 31.93
CA ASN A 863 -19.77 -6.33 31.61
C ASN A 863 -20.72 -7.30 32.29
N GLU A 864 -21.32 -6.89 33.41
CA GLU A 864 -22.09 -7.87 34.23
C GLU A 864 -23.53 -7.62 33.95
N TYR A 865 -24.13 -8.47 33.12
CA TYR A 865 -25.54 -8.24 32.73
C TYR A 865 -26.59 -8.65 33.77
N SER A 866 -26.22 -9.41 34.79
CA SER A 866 -27.23 -9.97 35.69
C SER A 866 -27.98 -8.87 36.44
N THR A 867 -27.38 -7.70 36.57
CA THR A 867 -28.03 -6.57 37.27
C THR A 867 -28.80 -5.57 36.36
N VAL A 868 -28.84 -5.82 35.05
CA VAL A 868 -29.50 -4.90 34.12
C VAL A 868 -30.97 -4.77 34.50
N LYS A 869 -31.49 -3.56 34.36
CA LYS A 869 -32.88 -3.29 34.67
C LYS A 869 -33.58 -2.73 33.44
N LEU A 870 -34.82 -3.13 33.25
CA LEU A 870 -35.63 -2.75 32.11
C LEU A 870 -36.61 -1.66 32.55
N LEU A 871 -36.49 -0.50 31.92
CA LEU A 871 -37.35 0.65 32.20
C LEU A 871 -38.35 0.80 31.05
N ASP A 872 -39.61 0.98 31.44
CA ASP A 872 -40.69 1.34 30.49
C ASP A 872 -40.66 2.84 30.27
N MET A 873 -40.32 3.28 29.06
CA MET A 873 -40.23 4.66 28.80
C MET A 873 -41.56 5.17 28.14
N SER A 874 -42.57 4.34 28.07
CA SER A 874 -43.72 4.71 27.19
C SER A 874 -44.64 5.80 27.78
N GLN A 875 -44.70 5.91 29.10
CA GLN A 875 -45.60 6.86 29.75
C GLN A 875 -44.88 8.03 30.41
N GLY A 876 -43.56 8.09 30.30
CA GLY A 876 -42.75 8.97 31.13
C GLY A 876 -41.36 8.35 31.27
N SER A 877 -40.54 8.95 32.14
CA SER A 877 -39.18 8.50 32.31
C SER A 877 -38.97 8.24 33.80
N PRO A 878 -38.88 6.96 34.23
CA PRO A 878 -38.57 6.65 35.63
C PRO A 878 -37.22 7.24 36.08
N ALA A 879 -37.03 7.35 37.38
CA ALA A 879 -35.75 7.82 37.89
C ALA A 879 -34.65 6.78 37.51
N TRP A 880 -33.46 7.28 37.27
CA TRP A 880 -32.27 6.41 37.08
C TRP A 880 -32.19 5.45 38.29
N PRO A 881 -32.20 4.12 38.04
CA PRO A 881 -32.48 3.15 39.10
C PRO A 881 -31.25 2.64 39.89
N PHE A 882 -30.06 3.17 39.64
CA PHE A 882 -28.84 2.68 40.31
C PHE A 882 -28.07 3.74 41.07
N PRO A 883 -27.38 3.31 42.15
CA PRO A 883 -26.29 4.07 42.65
C PRO A 883 -25.00 3.76 41.81
N LEU A 884 -23.94 4.47 42.10
CA LEU A 884 -22.63 4.20 41.55
C LEU A 884 -21.88 3.19 42.38
N GLU A 885 -21.18 2.30 41.68
CA GLU A 885 -20.41 1.26 42.32
C GLU A 885 -19.31 1.88 43.18
N HIS A 886 -19.19 1.43 44.43
CA HIS A 886 -18.05 1.78 45.32
C HIS A 886 -17.94 3.30 45.50
N HIS A 887 -19.11 3.96 45.61
CA HIS A 887 -19.19 5.40 45.60
C HIS A 887 -20.03 5.85 46.80
N HIS A 888 -19.64 6.98 47.40
CA HIS A 888 -20.40 7.58 48.47
C HIS A 888 -21.16 8.73 47.89
N HIS A 889 -22.44 8.55 47.74
CA HIS A 889 -23.28 9.63 47.26
C HIS A 889 -23.48 10.71 48.32
N HIS A 890 -23.89 11.88 47.87
CA HIS A 890 -24.20 12.99 48.81
C HIS A 890 -25.52 12.81 49.51
N HIS A 891 -25.48 12.92 50.84
CA HIS A 891 -26.65 12.64 51.70
C HIS A 891 -27.71 13.70 51.63
S SO4 B . -6.94 9.56 17.70
O1 SO4 B . -7.34 8.17 17.93
O2 SO4 B . -8.06 10.24 17.01
O3 SO4 B . -6.72 10.17 19.05
O4 SO4 B . -5.70 9.63 16.89
S SO4 C . 7.94 32.70 -26.39
O1 SO4 C . 7.83 31.38 -27.12
O2 SO4 C . 7.24 33.66 -27.27
O3 SO4 C . 9.41 33.03 -26.13
O4 SO4 C . 7.20 32.63 -25.08
ZN ZN D . -11.28 3.59 16.28
C1 EDO E . 0.14 -7.90 -7.29
O1 EDO E . -0.50 -6.69 -6.88
C2 EDO E . 1.55 -7.60 -7.72
O2 EDO E . 1.54 -7.14 -9.07
C1 EDO F . -2.93 3.96 -32.17
O1 EDO F . -2.41 2.65 -31.72
C2 EDO F . -3.22 4.21 -33.65
O2 EDO F . -4.42 3.62 -34.20
C1 EDO G . -2.02 9.44 -37.34
O1 EDO G . -0.80 8.88 -36.84
C2 EDO G . -2.00 9.34 -38.86
O2 EDO G . -0.64 9.20 -39.33
C1 EDO H . 7.29 0.59 -45.05
O1 EDO H . 7.35 1.21 -46.34
C2 EDO H . 5.90 0.72 -44.45
O2 EDO H . 5.06 1.52 -45.27
C1 EDO I . -20.71 2.73 34.27
O1 EDO I . -21.34 3.78 33.54
C2 EDO I . -20.93 1.37 33.65
O2 EDO I . -20.38 1.28 32.34
C1 EDO J . -22.32 0.06 46.06
O1 EDO J . -21.13 -0.50 45.46
C2 EDO J . -23.36 0.32 44.98
O2 EDO J . -23.72 -0.95 44.43
C1 EDO K . -25.44 -18.10 22.10
O1 EDO K . -26.59 -18.75 21.58
C2 EDO K . -24.22 -18.45 21.22
O2 EDO K . -24.41 -18.01 19.83
C1 EDO L . -34.27 -7.16 32.70
O1 EDO L . -35.43 -7.46 31.91
C2 EDO L . -33.64 -8.48 33.05
O2 EDO L . -33.17 -9.09 31.84
C1 EDO M . 1.40 -4.87 27.56
O1 EDO M . -0.02 -4.65 27.54
C2 EDO M . 1.82 -6.32 27.26
O2 EDO M . 1.07 -6.97 26.22
C1 EDO N . 13.18 1.80 -15.54
O1 EDO N . 11.75 1.87 -15.46
C2 EDO N . 13.60 0.48 -14.90
O2 EDO N . 13.60 -0.57 -15.85
C1 EDO O . -38.28 -13.42 17.56
O1 EDO O . -38.05 -14.03 18.84
C2 EDO O . -38.95 -14.47 16.68
O2 EDO O . -38.12 -15.64 16.70
C1 EDO P . -21.87 -4.84 3.38
O1 EDO P . -21.48 -6.19 3.51
C2 EDO P . -21.04 -4.05 2.39
O2 EDO P . -20.36 -3.01 3.07
C1 EDO Q . -20.66 -22.03 -1.47
O1 EDO Q . -21.19 -21.96 -0.15
C2 EDO Q . -21.70 -21.43 -2.36
O2 EDO Q . -21.61 -20.02 -2.17
C1 EDO R . 26.49 0.63 18.01
O1 EDO R . 26.40 2.07 18.04
C2 EDO R . 26.35 0.10 16.58
O2 EDO R . 25.08 0.43 15.96
C1 EDO S . -38.85 6.18 14.66
O1 EDO S . -39.79 6.97 13.92
C2 EDO S . -37.73 5.81 13.70
O2 EDO S . -37.07 6.91 13.12
C1 EDO T . 13.30 -21.80 -6.02
O1 EDO T . 14.02 -22.69 -5.19
C2 EDO T . 14.20 -21.45 -7.17
O2 EDO T . 13.39 -20.75 -8.12
C1 EDO U . 9.39 3.25 -7.54
O1 EDO U . 8.68 3.61 -6.36
C2 EDO U . 9.52 4.42 -8.48
O2 EDO U . 10.50 3.99 -9.39
C1 EDO V . 28.89 21.62 -37.79
O1 EDO V . 28.22 21.52 -36.54
C2 EDO V . 28.31 22.84 -38.44
O2 EDO V . 26.96 22.49 -38.75
C1 EDO W . -33.61 -13.92 31.36
O1 EDO W . -32.53 -13.82 32.28
C2 EDO W . -33.02 -13.51 30.03
O2 EDO W . -32.25 -12.31 30.15
C1 EDO X . 13.52 28.33 -17.47
O1 EDO X . 14.60 28.34 -18.40
C2 EDO X . 12.83 26.98 -17.50
O2 EDO X . 13.48 26.14 -16.58
C1 EDO Y . -32.50 10.63 36.38
O1 EDO Y . -33.20 10.09 37.52
C2 EDO Y . -33.47 11.14 35.30
O2 EDO Y . -32.73 11.98 34.42
C1 EDO Z . 18.35 -3.80 -8.47
O1 EDO Z . 17.37 -4.78 -8.17
C2 EDO Z . 19.70 -4.32 -7.99
O2 EDO Z . 20.33 -4.94 -9.09
C1 EDO AA . -0.68 8.85 -47.52
O1 EDO AA . -1.84 8.62 -46.73
C2 EDO AA . 0.05 7.54 -47.71
O2 EDO AA . 1.33 7.63 -47.11
C1 EDO BA . -26.40 14.04 12.10
O1 EDO BA . -25.99 15.33 12.54
C2 EDO BA . -26.96 13.38 13.34
O2 EDO BA . -28.32 13.80 13.44
C1 EDO CA . 20.89 -7.93 20.47
O1 EDO CA . 21.13 -6.76 19.70
C2 EDO CA . 21.10 -8.97 19.44
O2 EDO CA . 22.15 -8.43 18.65
#